data_8B0U
#
_entry.id   8B0U
#
_cell.length_a   89.754
_cell.length_b   96.598
_cell.length_c   131.710
_cell.angle_alpha   90.00
_cell.angle_beta   98.19
_cell.angle_gamma   90.00
#
_symmetry.space_group_name_H-M   'P 1 21 1'
#
loop_
_entity.id
_entity.type
_entity.pdbx_description
1 polymer 'SAVED domain-containing protein'
2 polymer CalpT10
3 non-polymer 'SULFATE ION'
4 non-polymer GLYCEROL
5 water water
#
loop_
_entity_poly.entity_id
_entity_poly.type
_entity_poly.pdbx_seq_one_letter_code
_entity_poly.pdbx_strand_id
1 'polypeptide(L)'
;GHIKQLLKNKRFEVIKALVESKKIKQEWLEDLYSILLKQDTDVEITQAKYEIIKLLLTEKKYLNFELLTKTLNLDQQTAI
EIMRNPFKEVYFPTYNIENPEESRLNKALIIPLSNQTFTLNTFVNSQDLETIKEATNKNFFVIFDNIFSGKSYQLAVAAG
LIAKEKEILDNVAFTGEVSSNGFIIPVNHLEEKKEITEKAKKVLITPEDIENLEELSFWLNPEHLPVIFIHINKPELALQ
SLKQMEDAIKKDERFKYFKLENLKKFYRLEDQDMYLITPSVDFSNREELIKILNEFREKVSKLLTLEGVIKDHNKVVLNI
SAGISTLALYFGVILGNRQASIIYHYQKEYHKVIDLTDNPRKIKEKKSEFEKISVNKNIQDPLMIIIYLASHNPIEKGLE
LKEKLRAKGELIIQSKEHQGNLEIGDWSDIVSEIYTAIDDNKQKENYMVFSAPVAIMLALGMALGYFLPIKVFHYNRDEY
IEVPIKLNEEILRSPF
;
A,B
2 'polypeptide(L)' STSQKATYTDDFVLYRGDDFIEIIIDEKYLNKKVKILLDNDTIFNGILKDTSIFIPVKEQIDLEELAKHISILPEG D,C
#
# COMPACT_ATOMS: atom_id res chain seq x y z
N GLY A 1 -31.59 29.67 5.02
CA GLY A 1 -30.40 29.50 4.21
C GLY A 1 -30.68 29.51 2.72
N HIS A 2 -29.63 29.64 1.92
CA HIS A 2 -29.80 29.65 0.47
C HIS A 2 -30.28 28.31 -0.05
N ILE A 3 -29.76 27.21 0.51
CA ILE A 3 -30.15 25.89 0.00
C ILE A 3 -31.60 25.59 0.31
N LYS A 4 -32.07 25.92 1.52
CA LYS A 4 -33.47 25.71 1.84
C LYS A 4 -34.36 26.52 0.91
N GLN A 5 -33.95 27.76 0.61
CA GLN A 5 -34.72 28.61 -0.28
C GLN A 5 -34.77 28.03 -1.69
N LEU A 6 -33.61 27.67 -2.24
CA LEU A 6 -33.53 27.13 -3.59
C LEU A 6 -34.31 25.82 -3.73
N LEU A 7 -34.20 24.96 -2.72
CA LEU A 7 -34.92 23.69 -2.75
C LEU A 7 -36.42 23.92 -2.64
N LYS A 8 -36.84 24.86 -1.80
CA LYS A 8 -38.26 25.21 -1.73
C LYS A 8 -38.78 25.63 -3.10
N ASN A 9 -37.97 26.36 -3.87
CA ASN A 9 -38.34 26.80 -5.21
C ASN A 9 -37.97 25.79 -6.29
N LYS A 10 -37.52 24.61 -5.91
CA LYS A 10 -37.20 23.52 -6.85
C LYS A 10 -36.20 23.99 -7.91
N ARG A 11 -35.17 24.71 -7.46
CA ARG A 11 -34.11 25.23 -8.34
C ARG A 11 -32.94 24.25 -8.39
N PHE A 12 -33.21 23.07 -8.94
CA PHE A 12 -32.22 21.99 -8.91
C PHE A 12 -31.04 22.26 -9.83
N GLU A 13 -31.23 23.00 -10.93
CA GLU A 13 -30.10 23.34 -11.78
C GLU A 13 -29.12 24.25 -11.04
N VAL A 14 -29.63 25.19 -10.24
CA VAL A 14 -28.76 26.07 -9.48
C VAL A 14 -28.05 25.30 -8.38
N ILE A 15 -28.75 24.34 -7.76
CA ILE A 15 -28.13 23.50 -6.73
C ILE A 15 -27.01 22.67 -7.34
N LYS A 16 -27.27 22.06 -8.50
CA LYS A 16 -26.22 21.30 -9.18
C LYS A 16 -25.05 22.20 -9.57
N ALA A 17 -25.34 23.43 -10.01
CA ALA A 17 -24.27 24.36 -10.36
C ALA A 17 -23.43 24.72 -9.14
N LEU A 18 -24.07 24.90 -7.98
CA LEU A 18 -23.32 25.18 -6.76
C LEU A 18 -22.48 23.98 -6.35
N VAL A 19 -23.02 22.77 -6.51
CA VAL A 19 -22.29 21.56 -6.12
C VAL A 19 -21.08 21.36 -7.01
N GLU A 20 -21.23 21.56 -8.32
CA GLU A 20 -20.11 21.39 -9.24
C GLU A 20 -19.00 22.42 -8.99
N SER A 21 -19.37 23.61 -8.53
CA SER A 21 -18.38 24.64 -8.20
C SER A 21 -17.74 24.41 -6.84
N LYS A 22 -18.11 23.33 -6.15
CA LYS A 22 -17.57 22.95 -4.84
C LYS A 22 -17.75 24.05 -3.80
N LYS A 23 -18.64 25.02 -4.05
CA LYS A 23 -18.90 26.09 -3.11
C LYS A 23 -20.16 25.72 -2.33
N ILE A 24 -19.97 25.04 -1.21
CA ILE A 24 -21.07 24.50 -0.42
C ILE A 24 -20.76 24.70 1.06
N LYS A 25 -21.66 25.35 1.77
CA LYS A 25 -21.54 25.47 3.21
C LYS A 25 -21.76 24.11 3.87
N GLN A 26 -21.06 23.86 4.97
CA GLN A 26 -21.24 22.62 5.70
C GLN A 26 -22.66 22.52 6.25
N GLU A 27 -23.21 23.64 6.72
CA GLU A 27 -24.57 23.66 7.25
C GLU A 27 -25.61 23.29 6.20
N TRP A 28 -25.25 23.37 4.91
CA TRP A 28 -26.16 22.95 3.85
C TRP A 28 -26.19 21.44 3.66
N LEU A 29 -25.12 20.74 4.09
CA LEU A 29 -24.92 19.35 3.68
C LEU A 29 -26.17 18.50 3.93
N GLU A 30 -26.75 18.61 5.12
CA GLU A 30 -27.93 17.82 5.45
C GLU A 30 -28.99 17.94 4.35
N ASP A 31 -29.38 19.17 4.01
CA ASP A 31 -30.37 19.37 2.95
C ASP A 31 -29.93 18.68 1.67
N LEU A 32 -28.66 18.85 1.29
CA LEU A 32 -28.14 18.19 0.10
C LEU A 32 -28.35 16.68 0.17
N TYR A 33 -28.02 16.09 1.32
CA TYR A 33 -28.22 14.65 1.48
C TYR A 33 -29.69 14.29 1.30
N SER A 34 -30.60 15.14 1.78
CA SER A 34 -32.02 14.86 1.63
C SER A 34 -32.41 14.81 0.15
N ILE A 35 -31.75 15.62 -0.69
CA ILE A 35 -32.02 15.59 -2.12
C ILE A 35 -31.81 14.19 -2.68
N LEU A 36 -30.90 13.43 -2.07
CA LEU A 36 -30.62 12.08 -2.55
C LEU A 36 -31.82 11.15 -2.40
N LEU A 37 -32.77 11.49 -1.54
CA LEU A 37 -33.92 10.63 -1.30
C LEU A 37 -35.17 11.07 -2.06
N LYS A 38 -35.14 12.21 -2.74
CA LYS A 38 -36.30 12.67 -3.48
C LYS A 38 -36.57 11.76 -4.67
N GLN A 39 -37.82 11.78 -5.13
CA GLN A 39 -38.21 10.97 -6.27
C GLN A 39 -37.65 11.56 -7.56
N ASP A 40 -37.17 10.68 -8.45
CA ASP A 40 -36.58 11.10 -9.73
C ASP A 40 -37.69 11.44 -10.72
N THR A 41 -38.34 12.59 -10.49
CA THR A 41 -39.45 12.99 -11.34
C THR A 41 -38.98 13.63 -12.64
N ASP A 42 -37.80 14.25 -12.65
CA ASP A 42 -37.26 14.82 -13.88
C ASP A 42 -35.74 14.74 -13.82
N VAL A 43 -35.12 15.04 -14.96
CA VAL A 43 -33.68 14.82 -15.12
C VAL A 43 -32.87 15.75 -14.22
N GLU A 44 -33.42 16.92 -13.89
CA GLU A 44 -32.71 17.85 -13.02
C GLU A 44 -32.40 17.22 -11.67
N ILE A 45 -33.39 16.54 -11.08
CA ILE A 45 -33.19 15.91 -9.77
C ILE A 45 -32.12 14.83 -9.85
N THR A 46 -32.17 14.01 -10.91
CA THR A 46 -31.22 12.92 -11.03
C THR A 46 -29.80 13.43 -11.22
N GLN A 47 -29.63 14.45 -12.07
CA GLN A 47 -28.30 15.02 -12.27
C GLN A 47 -27.79 15.70 -11.00
N ALA A 48 -28.68 16.37 -10.26
CA ALA A 48 -28.27 16.95 -8.99
C ALA A 48 -27.81 15.88 -8.01
N LYS A 49 -28.56 14.77 -7.92
CA LYS A 49 -28.15 13.65 -7.08
C LYS A 49 -26.77 13.15 -7.48
N TYR A 50 -26.56 12.95 -8.78
CA TYR A 50 -25.29 12.41 -9.26
C TYR A 50 -24.14 13.33 -8.89
N GLU A 51 -24.31 14.64 -9.11
CA GLU A 51 -23.23 15.58 -8.78
C GLU A 51 -23.02 15.70 -7.28
N ILE A 52 -24.09 15.60 -6.48
CA ILE A 52 -23.93 15.60 -5.03
C ILE A 52 -23.09 14.41 -4.58
N ILE A 53 -23.40 13.23 -5.11
CA ILE A 53 -22.65 12.03 -4.74
C ILE A 53 -21.19 12.15 -5.18
N LYS A 54 -20.98 12.65 -6.40
CA LYS A 54 -19.60 12.79 -6.88
C LYS A 54 -18.82 13.82 -6.06
N LEU A 55 -19.50 14.88 -5.59
CA LEU A 55 -18.83 15.84 -4.72
C LEU A 55 -18.50 15.21 -3.37
N LEU A 56 -19.43 14.43 -2.81
CA LEU A 56 -19.16 13.75 -1.56
C LEU A 56 -17.99 12.79 -1.69
N LEU A 57 -17.84 12.17 -2.86
CA LEU A 57 -16.79 11.17 -3.04
C LEU A 57 -15.44 11.78 -3.42
N THR A 58 -15.42 12.95 -4.07
CA THR A 58 -14.16 13.55 -4.49
C THR A 58 -13.60 14.54 -3.47
N GLU A 59 -14.47 15.30 -2.82
CA GLU A 59 -14.07 16.22 -1.76
C GLU A 59 -14.64 15.67 -0.46
N LYS A 60 -13.90 14.73 0.13
CA LYS A 60 -14.37 13.96 1.27
C LYS A 60 -14.54 14.81 2.54
N LYS A 61 -14.20 16.10 2.51
CA LYS A 61 -14.54 16.95 3.64
C LYS A 61 -16.05 17.12 3.79
N TYR A 62 -16.81 16.86 2.72
CA TYR A 62 -18.27 16.86 2.77
C TYR A 62 -18.84 15.48 3.06
N LEU A 63 -18.05 14.42 2.93
CA LEU A 63 -18.52 13.08 3.25
C LEU A 63 -18.66 12.92 4.75
N ASN A 64 -19.88 12.70 5.22
CA ASN A 64 -20.17 12.71 6.64
C ASN A 64 -20.87 11.40 7.03
N PHE A 65 -20.31 10.71 8.02
CA PHE A 65 -20.84 9.42 8.44
C PHE A 65 -22.19 9.58 9.11
N GLU A 66 -22.36 10.62 9.91
CA GLU A 66 -23.63 10.84 10.60
C GLU A 66 -24.77 11.04 9.60
N LEU A 67 -24.52 11.79 8.53
CA LEU A 67 -25.53 11.98 7.51
C LEU A 67 -25.72 10.72 6.67
N LEU A 68 -24.64 9.97 6.43
CA LEU A 68 -24.77 8.74 5.66
C LEU A 68 -25.63 7.72 6.37
N THR A 69 -25.52 7.64 7.70
CA THR A 69 -26.28 6.65 8.45
C THR A 69 -27.66 7.14 8.88
N LYS A 70 -27.77 8.39 9.32
CA LYS A 70 -29.03 8.89 9.84
C LYS A 70 -29.95 9.38 8.73
N THR A 71 -29.40 10.16 7.79
CA THR A 71 -30.23 10.74 6.73
C THR A 71 -30.55 9.73 5.64
N LEU A 72 -29.57 8.93 5.23
CA LEU A 72 -29.77 7.94 4.17
C LEU A 72 -30.20 6.58 4.70
N ASN A 73 -30.39 6.44 6.02
CA ASN A 73 -30.82 5.18 6.63
C ASN A 73 -29.91 4.02 6.27
N LEU A 74 -28.63 4.30 6.03
CA LEU A 74 -27.67 3.25 5.71
C LEU A 74 -27.11 2.64 6.98
N ASP A 75 -26.87 1.33 6.95
CA ASP A 75 -26.21 0.69 8.07
C ASP A 75 -24.74 1.11 8.12
N GLN A 76 -24.10 0.84 9.26
CA GLN A 76 -22.77 1.37 9.50
C GLN A 76 -21.76 0.80 8.52
N GLN A 77 -21.81 -0.51 8.27
CA GLN A 77 -20.83 -1.14 7.39
C GLN A 77 -20.95 -0.60 5.98
N THR A 78 -22.16 -0.50 5.45
CA THR A 78 -22.33 0.01 4.09
C THR A 78 -21.89 1.46 3.98
N ALA A 79 -22.21 2.28 4.99
CA ALA A 79 -21.79 3.68 4.96
C ALA A 79 -20.27 3.79 4.96
N ILE A 80 -19.61 3.02 5.82
CA ILE A 80 -18.15 3.06 5.89
C ILE A 80 -17.52 2.54 4.61
N GLU A 81 -18.13 1.53 3.98
CA GLU A 81 -17.63 1.04 2.70
C GLU A 81 -17.78 2.09 1.62
N ILE A 82 -18.89 2.85 1.63
CA ILE A 82 -19.03 3.97 0.71
C ILE A 82 -17.94 5.01 0.96
N MET A 83 -17.60 5.20 2.23
CA MET A 83 -16.55 6.16 2.57
C MET A 83 -15.18 5.71 2.08
N ARG A 84 -14.87 4.43 2.22
CA ARG A 84 -13.51 3.91 1.98
C ARG A 84 -13.31 3.36 0.58
N ASN A 85 -14.27 2.62 0.04
CA ASN A 85 -14.07 1.96 -1.25
C ASN A 85 -14.10 2.98 -2.38
N PRO A 86 -13.21 2.85 -3.36
CA PRO A 86 -13.22 3.79 -4.49
C PRO A 86 -14.34 3.49 -5.46
N PHE A 87 -14.71 4.50 -6.23
CA PHE A 87 -15.79 4.41 -7.20
C PHE A 87 -15.25 4.35 -8.62
N LYS A 88 -16.09 3.87 -9.53
CA LYS A 88 -15.78 3.79 -10.94
C LYS A 88 -16.93 4.38 -11.74
N GLU A 89 -16.62 5.06 -12.84
CA GLU A 89 -17.62 5.60 -13.74
C GLU A 89 -17.56 4.85 -15.06
N VAL A 90 -18.70 4.36 -15.52
CA VAL A 90 -18.81 3.64 -16.78
C VAL A 90 -19.81 4.36 -17.68
N TYR A 91 -19.64 4.20 -18.99
CA TYR A 91 -20.47 4.88 -19.97
C TYR A 91 -21.38 3.88 -20.68
N PHE A 92 -22.64 4.27 -20.89
CA PHE A 92 -23.56 3.40 -21.62
C PHE A 92 -24.54 4.26 -22.41
N PRO A 93 -24.80 3.94 -23.67
CA PRO A 93 -25.73 4.73 -24.47
C PRO A 93 -27.15 4.18 -24.42
N THR A 94 -28.10 5.11 -24.54
CA THR A 94 -29.53 4.78 -24.60
C THR A 94 -30.19 5.61 -25.69
N TYR A 95 -30.96 4.96 -26.56
CA TYR A 95 -31.66 5.66 -27.63
C TYR A 95 -33.16 5.46 -27.47
N ASN A 96 -33.88 6.57 -27.24
CA ASN A 96 -35.34 6.58 -27.23
C ASN A 96 -35.81 7.45 -28.38
N ILE A 97 -36.57 6.86 -29.30
CA ILE A 97 -37.10 7.60 -30.44
C ILE A 97 -38.09 8.67 -29.99
N GLU A 98 -38.90 8.38 -28.96
CA GLU A 98 -39.93 9.31 -28.52
C GLU A 98 -39.35 10.53 -27.82
N ASN A 99 -38.33 10.34 -26.98
CA ASN A 99 -37.81 11.43 -26.15
C ASN A 99 -36.31 11.60 -26.41
N PRO A 100 -35.87 12.77 -26.89
CA PRO A 100 -34.43 12.95 -27.15
C PRO A 100 -33.61 13.08 -25.88
N GLU A 101 -34.22 13.44 -24.75
CA GLU A 101 -33.48 13.51 -23.50
C GLU A 101 -32.97 12.13 -23.10
N GLU A 102 -33.74 11.08 -23.39
CA GLU A 102 -33.32 9.73 -23.05
C GLU A 102 -32.31 9.16 -24.03
N SER A 103 -32.12 9.80 -25.19
CA SER A 103 -31.10 9.37 -26.15
C SER A 103 -29.81 10.11 -25.79
N ARG A 104 -28.87 9.41 -25.16
CA ARG A 104 -27.67 10.06 -24.66
C ARG A 104 -26.67 8.98 -24.29
N LEU A 105 -25.42 9.41 -24.09
CA LEU A 105 -24.38 8.56 -23.50
C LEU A 105 -24.36 8.88 -22.01
N ASN A 106 -24.98 8.02 -21.21
CA ASN A 106 -25.10 8.27 -19.78
C ASN A 106 -23.92 7.67 -19.03
N LYS A 107 -23.75 8.11 -17.79
CA LYS A 107 -22.70 7.62 -16.91
C LYS A 107 -23.33 6.90 -15.72
N ALA A 108 -22.63 5.89 -15.23
CA ALA A 108 -23.03 5.14 -14.04
C ALA A 108 -21.86 5.12 -13.09
N LEU A 109 -22.09 5.58 -11.85
CA LEU A 109 -21.10 5.55 -10.79
C LEU A 109 -21.36 4.34 -9.90
N ILE A 110 -20.30 3.59 -9.62
CA ILE A 110 -20.39 2.28 -8.99
C ILE A 110 -19.37 2.21 -7.86
N ILE A 111 -19.82 1.78 -6.69
CA ILE A 111 -18.98 1.54 -5.53
C ILE A 111 -19.20 0.09 -5.08
N PRO A 112 -18.18 -0.75 -5.07
CA PRO A 112 -18.36 -2.12 -4.59
C PRO A 112 -18.61 -2.16 -3.09
N LEU A 113 -19.54 -3.02 -2.68
CA LEU A 113 -19.93 -3.22 -1.29
C LEU A 113 -19.80 -4.70 -0.97
N SER A 114 -20.04 -5.06 0.29
CA SER A 114 -19.85 -6.42 0.75
C SER A 114 -21.14 -7.24 0.79
N ASN A 115 -22.18 -6.72 1.44
CA ASN A 115 -23.38 -7.53 1.68
C ASN A 115 -24.66 -6.75 1.45
N GLN A 116 -24.63 -5.74 0.58
CA GLN A 116 -25.84 -5.00 0.26
C GLN A 116 -25.70 -4.38 -1.13
N THR A 117 -26.78 -4.41 -1.90
CA THR A 117 -26.85 -3.79 -3.21
C THR A 117 -28.04 -2.85 -3.26
N PHE A 118 -27.80 -1.59 -3.58
CA PHE A 118 -28.87 -0.60 -3.58
C PHE A 118 -28.51 0.54 -4.52
N THR A 119 -29.50 1.36 -4.82
CA THR A 119 -29.32 2.57 -5.61
C THR A 119 -30.17 3.68 -5.02
N LEU A 120 -29.78 4.92 -5.31
CA LEU A 120 -30.53 6.08 -4.87
C LEU A 120 -31.53 6.56 -5.91
N ASN A 121 -31.56 5.95 -7.09
CA ASN A 121 -32.50 6.33 -8.14
C ASN A 121 -33.76 5.49 -8.03
N THR A 122 -34.92 6.16 -8.01
CA THR A 122 -36.19 5.48 -7.79
C THR A 122 -36.70 4.76 -9.02
N PHE A 123 -36.24 5.14 -10.22
CA PHE A 123 -36.73 4.53 -11.45
C PHE A 123 -36.03 3.22 -11.80
N VAL A 124 -35.07 2.79 -11.01
CA VAL A 124 -34.31 1.57 -11.29
C VAL A 124 -34.97 0.40 -10.57
N ASN A 125 -35.10 -0.72 -11.26
CA ASN A 125 -35.67 -1.93 -10.68
C ASN A 125 -34.60 -2.66 -9.86
N SER A 126 -34.97 -3.04 -8.63
CA SER A 126 -33.99 -3.65 -7.73
C SER A 126 -33.54 -5.01 -8.24
N GLN A 127 -34.44 -5.79 -8.84
CA GLN A 127 -34.07 -7.12 -9.32
C GLN A 127 -33.09 -7.03 -10.49
N ASP A 128 -33.17 -5.97 -11.28
CA ASP A 128 -32.20 -5.79 -12.36
C ASP A 128 -30.78 -5.64 -11.81
N LEU A 129 -30.65 -4.95 -10.67
CA LEU A 129 -29.35 -4.84 -10.03
C LEU A 129 -28.97 -6.14 -9.32
N GLU A 130 -29.95 -6.86 -8.77
CA GLU A 130 -29.66 -8.14 -8.14
C GLU A 130 -29.13 -9.15 -9.15
N THR A 131 -29.60 -9.07 -10.40
CA THR A 131 -29.06 -9.92 -11.45
C THR A 131 -27.57 -9.64 -11.67
N ILE A 132 -27.18 -8.37 -11.72
CA ILE A 132 -25.78 -8.01 -11.86
C ILE A 132 -24.99 -8.50 -10.66
N LYS A 133 -25.56 -8.37 -9.46
CA LYS A 133 -24.88 -8.84 -8.25
C LYS A 133 -24.64 -10.35 -8.31
N GLU A 134 -25.62 -11.11 -8.79
CA GLU A 134 -25.47 -12.56 -8.89
C GLU A 134 -24.46 -12.92 -9.97
N ALA A 135 -24.47 -12.21 -11.09
CA ALA A 135 -23.58 -12.53 -12.20
C ALA A 135 -22.12 -12.22 -11.86
N THR A 136 -21.88 -11.11 -11.17
CA THR A 136 -20.53 -10.69 -10.83
C THR A 136 -20.06 -11.15 -9.46
N ASN A 137 -20.96 -11.75 -8.66
CA ASN A 137 -20.65 -12.16 -7.29
C ASN A 137 -20.10 -10.99 -6.47
N LYS A 138 -20.67 -9.81 -6.68
CA LYS A 138 -20.25 -8.60 -5.99
C LYS A 138 -21.47 -7.73 -5.72
N ASN A 139 -21.66 -7.34 -4.47
CA ASN A 139 -22.66 -6.33 -4.13
C ASN A 139 -22.14 -4.96 -4.49
N PHE A 140 -23.05 -4.03 -4.75
CA PHE A 140 -22.61 -2.73 -5.24
C PHE A 140 -23.67 -1.67 -5.02
N PHE A 141 -23.21 -0.43 -4.90
CA PHE A 141 -24.04 0.76 -4.96
C PHE A 141 -23.83 1.42 -6.32
N VAL A 142 -24.94 1.81 -6.96
CA VAL A 142 -24.87 2.39 -8.30
C VAL A 142 -25.78 3.60 -8.36
N ILE A 143 -25.36 4.62 -9.10
CA ILE A 143 -26.16 5.81 -9.34
C ILE A 143 -25.97 6.24 -10.79
N PHE A 144 -27.00 6.87 -11.35
CA PHE A 144 -27.01 7.25 -12.75
C PHE A 144 -27.19 8.75 -12.90
N ASP A 145 -26.68 9.29 -14.01
CA ASP A 145 -26.70 10.72 -14.29
C ASP A 145 -27.79 11.11 -15.27
N ASN A 146 -28.78 10.24 -15.49
CA ASN A 146 -29.87 10.54 -16.41
C ASN A 146 -30.99 9.52 -16.17
N ILE A 147 -32.21 9.94 -16.45
CA ILE A 147 -33.38 9.06 -16.36
C ILE A 147 -33.53 8.32 -17.67
N PHE A 148 -33.74 7.01 -17.59
CA PHE A 148 -33.87 6.17 -18.77
C PHE A 148 -34.71 4.95 -18.41
N SER A 149 -35.07 4.19 -19.44
CA SER A 149 -35.82 2.96 -19.30
C SER A 149 -35.00 1.80 -19.85
N GLY A 150 -35.23 0.61 -19.30
CA GLY A 150 -34.54 -0.59 -19.74
C GLY A 150 -33.42 -0.98 -18.81
N LYS A 151 -32.74 -2.05 -19.20
CA LYS A 151 -31.62 -2.61 -18.45
C LYS A 151 -30.38 -2.78 -19.32
N SER A 152 -30.24 -1.93 -20.34
CA SER A 152 -29.05 -1.93 -21.19
C SER A 152 -27.78 -1.53 -20.43
N TYR A 153 -27.91 -1.08 -19.19
CA TYR A 153 -26.77 -0.67 -18.38
C TYR A 153 -26.07 -1.84 -17.71
N GLN A 154 -26.64 -3.04 -17.78
CA GLN A 154 -26.10 -4.16 -17.01
C GLN A 154 -24.67 -4.48 -17.42
N LEU A 155 -24.38 -4.41 -18.72
CA LEU A 155 -23.03 -4.71 -19.18
C LEU A 155 -22.04 -3.67 -18.68
N ALA A 156 -22.41 -2.39 -18.73
CA ALA A 156 -21.50 -1.34 -18.25
C ALA A 156 -21.25 -1.47 -16.75
N VAL A 157 -22.29 -1.78 -15.98
CA VAL A 157 -22.14 -1.93 -14.53
C VAL A 157 -21.29 -3.16 -14.21
N ALA A 158 -21.50 -4.26 -14.94
CA ALA A 158 -20.67 -5.43 -14.75
C ALA A 158 -19.22 -5.14 -15.09
N ALA A 159 -18.99 -4.35 -16.14
CA ALA A 159 -17.62 -3.97 -16.50
C ALA A 159 -16.99 -3.12 -15.41
N GLY A 160 -17.75 -2.16 -14.87
CA GLY A 160 -17.24 -1.36 -13.78
C GLY A 160 -16.94 -2.17 -12.53
N LEU A 161 -17.74 -3.22 -12.29
CA LEU A 161 -17.50 -4.07 -11.13
C LEU A 161 -16.32 -5.01 -11.34
N ILE A 162 -16.07 -5.43 -12.57
CA ILE A 162 -15.03 -6.42 -12.86
C ILE A 162 -13.67 -5.77 -13.05
N ALA A 163 -13.63 -4.63 -13.73
CA ALA A 163 -12.36 -4.00 -14.08
C ALA A 163 -11.59 -3.59 -12.83
N LYS A 164 -10.31 -3.97 -12.79
CA LYS A 164 -9.44 -3.58 -11.68
C LYS A 164 -8.91 -2.16 -11.87
N GLU A 165 -8.61 -1.78 -13.11
CA GLU A 165 -8.12 -0.45 -13.43
C GLU A 165 -9.21 0.36 -14.13
N LYS A 166 -9.30 1.63 -13.75
CA LYS A 166 -10.34 2.52 -14.25
C LYS A 166 -9.97 3.22 -15.54
N GLU A 167 -8.75 3.03 -16.04
CA GLU A 167 -8.33 3.74 -17.25
C GLU A 167 -9.07 3.25 -18.48
N ILE A 168 -9.23 1.93 -18.61
CA ILE A 168 -9.88 1.37 -19.80
C ILE A 168 -11.35 1.74 -19.88
N LEU A 169 -11.97 2.11 -18.77
CA LEU A 169 -13.38 2.49 -18.77
C LEU A 169 -13.60 3.93 -19.23
N ASP A 170 -12.54 4.69 -19.48
CA ASP A 170 -12.70 6.08 -19.90
C ASP A 170 -12.97 6.19 -21.40
N ASN A 171 -12.43 5.27 -22.20
CA ASN A 171 -12.56 5.33 -23.64
C ASN A 171 -13.54 4.30 -24.22
N VAL A 172 -14.12 3.45 -23.38
CA VAL A 172 -14.94 2.33 -23.82
C VAL A 172 -16.30 2.43 -23.15
N ALA A 173 -17.36 2.34 -23.96
CA ALA A 173 -18.72 2.29 -23.46
C ALA A 173 -19.32 0.91 -23.73
N PHE A 174 -20.36 0.57 -22.98
CA PHE A 174 -20.97 -0.75 -23.04
C PHE A 174 -22.49 -0.62 -23.12
N THR A 175 -23.12 -1.57 -23.80
CA THR A 175 -24.57 -1.68 -23.82
C THR A 175 -24.95 -3.15 -23.93
N GLY A 176 -26.03 -3.52 -23.27
CA GLY A 176 -26.48 -4.90 -23.24
C GLY A 176 -26.90 -5.34 -21.85
N GLU A 177 -27.69 -6.40 -21.81
CA GLU A 177 -28.17 -6.99 -20.56
C GLU A 177 -27.31 -8.19 -20.17
N VAL A 178 -27.43 -8.60 -18.91
CA VAL A 178 -26.62 -9.67 -18.35
C VAL A 178 -27.54 -10.70 -17.70
N SER A 179 -27.21 -11.98 -17.89
CA SER A 179 -27.95 -13.06 -17.27
C SER A 179 -27.35 -13.42 -15.92
N SER A 180 -28.05 -14.29 -15.20
CA SER A 180 -27.62 -14.65 -13.84
C SER A 180 -26.31 -15.43 -13.85
N ASN A 181 -26.09 -16.27 -14.87
CA ASN A 181 -24.89 -17.09 -14.94
C ASN A 181 -23.78 -16.45 -15.77
N GLY A 182 -23.89 -15.14 -16.04
CA GLY A 182 -22.82 -14.44 -16.71
C GLY A 182 -22.91 -14.38 -18.23
N PHE A 183 -24.11 -14.44 -18.79
CA PHE A 183 -24.30 -14.35 -20.23
C PHE A 183 -24.68 -12.93 -20.62
N ILE A 184 -24.06 -12.43 -21.66
CA ILE A 184 -24.39 -11.11 -22.21
C ILE A 184 -25.56 -11.27 -23.18
N ILE A 185 -26.59 -10.45 -23.00
CA ILE A 185 -27.83 -10.60 -23.75
C ILE A 185 -27.98 -9.44 -24.73
N PRO A 186 -28.42 -9.71 -25.97
CA PRO A 186 -28.53 -8.63 -26.97
C PRO A 186 -29.57 -7.59 -26.58
N VAL A 187 -29.33 -6.36 -27.05
CA VAL A 187 -30.19 -5.23 -26.77
C VAL A 187 -30.54 -4.56 -28.11
N ASN A 188 -31.50 -3.62 -28.06
CA ASN A 188 -32.00 -3.00 -29.27
C ASN A 188 -31.23 -1.72 -29.60
N HIS A 189 -31.46 -1.21 -30.82
CA HIS A 189 -30.95 0.08 -31.28
C HIS A 189 -29.43 0.16 -31.18
N LEU A 190 -28.74 -0.84 -31.74
CA LEU A 190 -27.29 -0.85 -31.69
C LEU A 190 -26.70 0.27 -32.54
N GLU A 191 -27.34 0.58 -33.68
CA GLU A 191 -26.76 1.55 -34.60
C GLU A 191 -26.81 2.97 -34.02
N GLU A 192 -27.96 3.36 -33.46
CA GLU A 192 -28.08 4.70 -32.89
C GLU A 192 -27.19 4.84 -31.66
N LYS A 193 -27.08 3.78 -30.85
CA LYS A 193 -26.18 3.82 -29.69
C LYS A 193 -24.73 3.96 -30.12
N LYS A 194 -24.33 3.25 -31.18
CA LYS A 194 -22.97 3.38 -31.69
C LYS A 194 -22.73 4.79 -32.22
N GLU A 195 -23.73 5.37 -32.88
CA GLU A 195 -23.61 6.75 -33.36
C GLU A 195 -23.42 7.71 -32.19
N ILE A 196 -24.23 7.54 -31.14
CA ILE A 196 -24.12 8.40 -29.96
C ILE A 196 -22.73 8.28 -29.33
N THR A 197 -22.26 7.05 -29.17
CA THR A 197 -20.97 6.84 -28.50
C THR A 197 -19.81 7.40 -29.33
N GLU A 198 -19.84 7.20 -30.65
CA GLU A 198 -18.77 7.75 -31.48
C GLU A 198 -18.87 9.26 -31.59
N LYS A 199 -20.08 9.82 -31.44
CA LYS A 199 -20.21 11.27 -31.38
C LYS A 199 -19.54 11.83 -30.14
N ALA A 200 -19.58 11.08 -29.03
CA ALA A 200 -18.90 11.45 -27.80
C ALA A 200 -17.44 11.01 -27.79
N LYS A 201 -16.90 10.60 -28.93
CA LYS A 201 -15.49 10.24 -29.08
C LYS A 201 -15.11 9.07 -28.17
N LYS A 202 -15.93 8.02 -28.20
CA LYS A 202 -15.66 6.79 -27.46
C LYS A 202 -16.06 5.60 -28.32
N VAL A 203 -15.51 4.43 -27.99
CA VAL A 203 -15.81 3.19 -28.69
C VAL A 203 -16.90 2.47 -27.93
N LEU A 204 -17.77 1.78 -28.67
CA LEU A 204 -18.92 1.10 -28.10
C LEU A 204 -18.73 -0.40 -28.19
N ILE A 205 -19.03 -1.11 -27.10
CA ILE A 205 -18.96 -2.57 -27.06
C ILE A 205 -20.39 -3.10 -27.02
N THR A 206 -20.74 -3.90 -28.02
CA THR A 206 -22.07 -4.44 -28.21
C THR A 206 -22.12 -5.91 -27.80
N PRO A 207 -23.32 -6.46 -27.59
CA PRO A 207 -23.41 -7.89 -27.26
C PRO A 207 -22.91 -8.82 -28.35
N GLU A 208 -22.81 -8.35 -29.60
CA GLU A 208 -22.23 -9.19 -30.65
C GLU A 208 -20.72 -9.25 -30.61
N ASP A 209 -20.07 -8.39 -29.83
CA ASP A 209 -18.60 -8.42 -29.74
C ASP A 209 -18.12 -9.48 -28.75
N ILE A 210 -18.78 -9.59 -27.59
CA ILE A 210 -18.36 -10.53 -26.56
C ILE A 210 -19.55 -11.39 -26.14
N GLU A 211 -19.27 -12.65 -25.81
CA GLU A 211 -20.30 -13.64 -25.51
C GLU A 211 -20.74 -13.62 -24.06
N ASN A 212 -19.79 -13.54 -23.11
CA ASN A 212 -20.12 -13.67 -21.70
C ASN A 212 -19.22 -12.74 -20.89
N LEU A 213 -19.43 -12.74 -19.57
CA LEU A 213 -18.63 -11.89 -18.69
C LEU A 213 -17.18 -12.36 -18.60
N GLU A 214 -16.92 -13.64 -18.83
CA GLU A 214 -15.55 -14.13 -18.80
C GLU A 214 -14.72 -13.55 -19.94
N GLU A 215 -15.29 -13.51 -21.15
CA GLU A 215 -14.61 -12.88 -22.26
C GLU A 215 -14.36 -11.40 -21.98
N LEU A 216 -15.35 -10.73 -21.40
CA LEU A 216 -15.18 -9.33 -21.03
C LEU A 216 -14.05 -9.15 -20.03
N SER A 217 -13.97 -10.05 -19.05
CA SER A 217 -12.91 -9.97 -18.05
C SER A 217 -11.54 -10.21 -18.67
N PHE A 218 -11.47 -11.04 -19.71
CA PHE A 218 -10.20 -11.22 -20.41
C PHE A 218 -9.70 -9.88 -20.96
N TRP A 219 -10.60 -9.05 -21.49
CA TRP A 219 -10.18 -7.77 -22.06
C TRP A 219 -9.96 -6.73 -20.97
N LEU A 220 -10.81 -6.72 -19.94
CA LEU A 220 -10.73 -5.69 -18.91
C LEU A 220 -9.51 -5.89 -18.03
N ASN A 221 -9.35 -7.10 -17.47
CA ASN A 221 -8.24 -7.43 -16.59
C ASN A 221 -7.43 -8.56 -17.21
N PRO A 222 -6.61 -8.26 -18.22
CA PRO A 222 -5.82 -9.31 -18.86
C PRO A 222 -4.58 -9.62 -18.03
N GLU A 223 -4.26 -10.92 -17.95
CA GLU A 223 -2.98 -11.31 -17.38
C GLU A 223 -1.87 -11.30 -18.41
N HIS A 224 -2.20 -11.61 -19.67
CA HIS A 224 -1.27 -11.55 -20.78
C HIS A 224 -2.09 -11.12 -22.00
N LEU A 225 -2.32 -9.82 -22.12
CA LEU A 225 -3.04 -9.28 -23.26
C LEU A 225 -2.21 -9.44 -24.52
N PRO A 226 -2.69 -10.16 -25.53
CA PRO A 226 -1.87 -10.38 -26.74
C PRO A 226 -2.03 -9.29 -27.79
N VAL A 227 -0.93 -8.64 -28.14
CA VAL A 227 -0.89 -7.70 -29.25
C VAL A 227 -0.07 -8.34 -30.35
N ILE A 228 -0.18 -7.77 -31.55
CA ILE A 228 0.35 -8.39 -32.76
C ILE A 228 1.34 -7.44 -33.44
N PHE A 229 2.47 -7.99 -33.89
CA PHE A 229 3.37 -7.26 -34.78
C PHE A 229 3.97 -8.24 -35.79
N ILE A 230 3.68 -8.02 -37.06
CA ILE A 230 4.18 -8.86 -38.13
C ILE A 230 4.78 -7.97 -39.21
N HIS A 231 6.06 -8.18 -39.49
CA HIS A 231 6.73 -7.54 -40.62
C HIS A 231 6.54 -8.41 -41.86
N ILE A 232 6.15 -7.78 -42.96
CA ILE A 232 5.85 -8.48 -44.20
C ILE A 232 6.54 -7.79 -45.36
N ASN A 233 6.84 -8.58 -46.39
CA ASN A 233 7.40 -8.06 -47.63
C ASN A 233 6.34 -7.84 -48.72
N LYS A 234 5.13 -8.34 -48.51
CA LYS A 234 4.06 -8.23 -49.49
C LYS A 234 2.94 -7.37 -48.90
N PRO A 235 2.76 -6.13 -49.38
CA PRO A 235 1.76 -5.27 -48.73
C PRO A 235 0.33 -5.73 -48.96
N GLU A 236 -0.01 -6.19 -50.18
CA GLU A 236 -1.38 -6.57 -50.45
C GLU A 236 -1.82 -7.81 -49.69
N LEU A 237 -0.90 -8.48 -49.00
CA LEU A 237 -1.23 -9.60 -48.12
C LEU A 237 -1.16 -9.20 -46.66
N ALA A 238 -1.36 -7.92 -46.36
CA ALA A 238 -1.30 -7.45 -44.99
C ALA A 238 -2.44 -8.04 -44.17
N LEU A 239 -3.69 -7.65 -44.48
CA LEU A 239 -4.82 -8.05 -43.65
C LEU A 239 -4.91 -9.56 -43.52
N GLN A 240 -4.77 -10.27 -44.64
CA GLN A 240 -4.81 -11.73 -44.61
C GLN A 240 -3.81 -12.26 -43.59
N SER A 241 -2.56 -11.78 -43.66
CA SER A 241 -1.55 -12.24 -42.72
C SER A 241 -1.99 -11.97 -41.29
N LEU A 242 -2.54 -10.78 -41.04
CA LEU A 242 -3.06 -10.47 -39.71
C LEU A 242 -4.07 -11.52 -39.27
N LYS A 243 -5.02 -11.83 -40.16
CA LYS A 243 -6.03 -12.83 -39.81
C LYS A 243 -5.36 -14.15 -39.47
N GLN A 244 -4.34 -14.54 -40.25
CA GLN A 244 -3.62 -15.76 -39.96
C GLN A 244 -3.03 -15.70 -38.55
N MET A 245 -2.37 -14.60 -38.22
CA MET A 245 -1.83 -14.44 -36.89
C MET A 245 -2.93 -14.57 -35.85
N GLU A 246 -4.09 -13.96 -36.11
CA GLU A 246 -5.21 -14.08 -35.18
C GLU A 246 -5.55 -15.55 -34.97
N ASP A 247 -5.68 -16.30 -36.06
CA ASP A 247 -5.95 -17.72 -35.94
C ASP A 247 -4.84 -18.41 -35.17
N ALA A 248 -3.58 -18.05 -35.45
CA ALA A 248 -2.45 -18.64 -34.73
C ALA A 248 -2.53 -18.34 -33.24
N ILE A 249 -3.09 -17.19 -32.88
CA ILE A 249 -3.27 -16.87 -31.46
C ILE A 249 -4.41 -17.68 -30.87
N LYS A 250 -5.46 -17.94 -31.66
CA LYS A 250 -6.61 -18.68 -31.15
C LYS A 250 -6.27 -20.14 -30.85
N LYS A 251 -5.26 -20.69 -31.52
CA LYS A 251 -4.84 -22.07 -31.25
C LYS A 251 -4.24 -22.23 -29.85
N ASP A 252 -3.82 -21.14 -29.22
CA ASP A 252 -3.29 -21.21 -27.87
C ASP A 252 -4.43 -21.26 -26.87
N GLU A 253 -4.28 -22.15 -25.87
CA GLU A 253 -5.33 -22.30 -24.87
C GLU A 253 -5.49 -21.04 -24.03
N ARG A 254 -4.38 -20.33 -23.77
CA ARG A 254 -4.41 -19.14 -22.95
C ARG A 254 -5.12 -17.97 -23.63
N PHE A 255 -5.26 -18.01 -24.96
CA PHE A 255 -5.83 -16.91 -25.72
C PHE A 255 -7.03 -17.37 -26.56
N LYS A 256 -7.84 -18.28 -26.02
CA LYS A 256 -8.97 -18.77 -26.78
C LYS A 256 -10.05 -17.71 -26.99
N TYR A 257 -10.08 -16.68 -26.15
CA TYR A 257 -11.05 -15.61 -26.28
C TYR A 257 -10.56 -14.45 -27.15
N PHE A 258 -9.39 -14.58 -27.77
CA PHE A 258 -8.81 -13.48 -28.52
C PHE A 258 -9.56 -13.25 -29.83
N LYS A 259 -9.85 -11.99 -30.13
CA LYS A 259 -10.43 -11.57 -31.40
C LYS A 259 -9.79 -10.26 -31.81
N LEU A 260 -9.42 -10.15 -33.09
CA LEU A 260 -8.73 -8.95 -33.56
C LEU A 260 -9.62 -7.71 -33.41
N GLU A 261 -10.88 -7.82 -33.80
CA GLU A 261 -11.79 -6.68 -33.69
C GLU A 261 -11.98 -6.26 -32.24
N ASN A 262 -12.00 -7.22 -31.33
CA ASN A 262 -12.16 -6.88 -29.91
C ASN A 262 -10.92 -6.15 -29.38
N LEU A 263 -9.72 -6.57 -29.79
CA LEU A 263 -8.53 -5.85 -29.40
C LEU A 263 -8.55 -4.42 -29.94
N LYS A 264 -8.89 -4.27 -31.23
CA LYS A 264 -8.93 -2.95 -31.85
C LYS A 264 -9.94 -2.04 -31.16
N LYS A 265 -11.09 -2.59 -30.76
CA LYS A 265 -12.11 -1.78 -30.10
C LYS A 265 -11.69 -1.43 -28.68
N PHE A 266 -11.28 -2.43 -27.89
CA PHE A 266 -10.98 -2.20 -26.49
C PHE A 266 -9.80 -1.26 -26.29
N TYR A 267 -8.75 -1.41 -27.10
CA TYR A 267 -7.52 -0.65 -26.85
C TYR A 267 -7.23 0.38 -27.94
N ARG A 268 -8.25 0.73 -28.73
CA ARG A 268 -8.18 1.85 -29.68
C ARG A 268 -6.97 1.71 -30.60
N LEU A 269 -6.93 0.59 -31.31
CA LEU A 269 -5.88 0.32 -32.28
C LEU A 269 -6.48 0.11 -33.66
N GLU A 270 -5.69 0.41 -34.68
CA GLU A 270 -6.05 0.15 -36.06
C GLU A 270 -5.14 -0.93 -36.63
N ASP A 271 -5.47 -1.39 -37.84
CA ASP A 271 -4.66 -2.42 -38.48
C ASP A 271 -3.22 -1.94 -38.71
N GLN A 272 -3.07 -0.72 -39.20
CA GLN A 272 -1.74 -0.20 -39.51
C GLN A 272 -0.82 -0.17 -38.30
N ASP A 273 -1.37 -0.14 -37.09
CA ASP A 273 -0.55 -0.12 -35.89
C ASP A 273 0.11 -1.46 -35.59
N MET A 274 -0.21 -2.52 -36.34
CA MET A 274 0.24 -3.86 -36.00
C MET A 274 1.10 -4.51 -37.09
N TYR A 275 1.45 -3.79 -38.15
CA TYR A 275 2.34 -4.36 -39.16
C TYR A 275 3.19 -3.25 -39.77
N LEU A 276 4.26 -3.69 -40.45
CA LEU A 276 5.23 -2.78 -41.06
C LEU A 276 5.51 -3.28 -42.47
N ILE A 277 5.51 -2.35 -43.43
CA ILE A 277 5.71 -2.68 -44.84
C ILE A 277 7.04 -2.11 -45.30
N THR A 278 7.87 -2.96 -45.89
CA THR A 278 9.10 -2.54 -46.58
C THR A 278 9.05 -3.05 -48.01
N PRO A 279 8.66 -2.22 -48.98
CA PRO A 279 8.50 -2.71 -50.35
C PRO A 279 9.80 -3.19 -50.97
N SER A 280 10.83 -2.35 -50.90
CA SER A 280 12.15 -2.69 -51.43
C SER A 280 13.19 -2.11 -50.49
N VAL A 281 13.84 -2.97 -49.71
CA VAL A 281 14.78 -2.56 -48.68
C VAL A 281 16.21 -2.72 -49.21
N ASP A 282 17.03 -1.71 -49.00
CA ASP A 282 18.45 -1.74 -49.35
C ASP A 282 19.24 -1.82 -48.05
N PHE A 283 19.84 -2.99 -47.78
CA PHE A 283 20.55 -3.23 -46.54
C PHE A 283 21.92 -2.57 -46.49
N SER A 284 22.31 -1.85 -47.55
CA SER A 284 23.51 -1.02 -47.55
C SER A 284 23.20 0.45 -47.32
N ASN A 285 21.92 0.82 -47.23
CA ASN A 285 21.49 2.19 -47.02
C ASN A 285 21.25 2.40 -45.53
N ARG A 286 22.08 3.26 -44.92
CA ARG A 286 21.97 3.47 -43.48
C ARG A 286 20.71 4.25 -43.13
N GLU A 287 20.36 5.27 -43.91
CA GLU A 287 19.23 6.13 -43.56
C GLU A 287 17.91 5.37 -43.67
N GLU A 288 17.76 4.54 -44.71
CA GLU A 288 16.54 3.76 -44.85
C GLU A 288 16.37 2.78 -43.69
N LEU A 289 17.47 2.13 -43.28
CA LEU A 289 17.41 1.22 -42.14
C LEU A 289 17.09 1.98 -40.86
N ILE A 290 17.65 3.18 -40.70
CA ILE A 290 17.35 4.00 -39.53
C ILE A 290 15.85 4.31 -39.48
N LYS A 291 15.27 4.70 -40.63
CA LYS A 291 13.85 5.00 -40.68
C LYS A 291 13.01 3.77 -40.36
N ILE A 292 13.36 2.62 -40.93
CA ILE A 292 12.60 1.40 -40.69
C ILE A 292 12.67 1.00 -39.22
N LEU A 293 13.85 1.08 -38.61
CA LEU A 293 14.00 0.71 -37.21
C LEU A 293 13.29 1.68 -36.29
N ASN A 294 13.27 2.97 -36.64
CA ASN A 294 12.53 3.93 -35.83
C ASN A 294 11.03 3.68 -35.92
N GLU A 295 10.54 3.31 -37.11
CA GLU A 295 9.13 2.95 -37.25
C GLU A 295 8.80 1.72 -36.41
N PHE A 296 9.68 0.72 -36.43
CA PHE A 296 9.52 -0.47 -35.59
C PHE A 296 9.47 -0.08 -34.11
N ARG A 297 10.40 0.76 -33.67
CA ARG A 297 10.42 1.21 -32.28
C ARG A 297 9.12 1.89 -31.91
N GLU A 298 8.66 2.81 -32.75
CA GLU A 298 7.44 3.55 -32.44
C GLU A 298 6.24 2.61 -32.33
N LYS A 299 6.10 1.69 -33.29
CA LYS A 299 4.95 0.80 -33.27
C LYS A 299 4.99 -0.14 -32.07
N VAL A 300 6.16 -0.68 -31.74
CA VAL A 300 6.26 -1.59 -30.60
C VAL A 300 5.99 -0.84 -29.29
N SER A 301 6.50 0.38 -29.17
CA SER A 301 6.25 1.16 -27.95
C SER A 301 4.78 1.50 -27.81
N LYS A 302 4.11 1.81 -28.93
CA LYS A 302 2.68 2.06 -28.88
C LYS A 302 1.92 0.80 -28.48
N LEU A 303 2.32 -0.35 -29.02
CA LEU A 303 1.64 -1.60 -28.68
C LEU A 303 1.86 -1.97 -27.21
N LEU A 304 2.97 -1.55 -26.62
CA LEU A 304 3.24 -1.89 -25.23
C LEU A 304 2.68 -0.86 -24.25
N THR A 305 2.43 0.37 -24.70
CA THR A 305 1.82 1.39 -23.84
C THR A 305 0.32 1.49 -24.02
N LEU A 306 -0.17 1.47 -25.26
CA LEU A 306 -1.60 1.52 -25.57
C LEU A 306 -2.26 2.77 -24.98
N GLU A 307 -1.61 3.91 -25.21
CA GLU A 307 -2.12 5.22 -24.79
C GLU A 307 -2.35 5.26 -23.28
N GLY A 308 -1.42 4.66 -22.53
CA GLY A 308 -1.46 4.71 -21.08
C GLY A 308 -2.44 3.79 -20.41
N VAL A 309 -3.23 3.04 -21.17
CA VAL A 309 -4.19 2.12 -20.57
C VAL A 309 -3.45 0.99 -19.85
N ILE A 310 -2.35 0.51 -20.43
CA ILE A 310 -1.57 -0.57 -19.84
C ILE A 310 -0.54 0.03 -18.89
N LYS A 311 -0.50 -0.49 -17.66
CA LYS A 311 0.46 -0.03 -16.66
C LYS A 311 1.71 -0.92 -16.62
N ASP A 312 1.53 -2.23 -16.62
CA ASP A 312 2.63 -3.19 -16.55
C ASP A 312 2.98 -3.65 -17.95
N HIS A 313 4.21 -3.37 -18.39
CA HIS A 313 4.63 -3.77 -19.73
C HIS A 313 4.73 -5.28 -19.86
N ASN A 314 5.01 -5.98 -18.76
CA ASN A 314 5.08 -7.44 -18.78
C ASN A 314 3.71 -8.10 -18.85
N LYS A 315 2.63 -7.36 -18.62
CA LYS A 315 1.29 -7.89 -18.75
C LYS A 315 0.78 -7.85 -20.19
N VAL A 316 1.64 -7.53 -21.15
CA VAL A 316 1.30 -7.53 -22.56
C VAL A 316 2.26 -8.47 -23.29
N VAL A 317 1.71 -9.36 -24.10
CA VAL A 317 2.48 -10.34 -24.84
C VAL A 317 2.49 -9.93 -26.30
N LEU A 318 3.68 -9.69 -26.84
CA LEU A 318 3.85 -9.28 -28.23
C LEU A 318 4.03 -10.53 -29.08
N ASN A 319 3.01 -10.86 -29.88
CA ASN A 319 3.12 -11.95 -30.85
C ASN A 319 3.79 -11.38 -32.10
N ILE A 320 5.05 -11.75 -32.32
CA ILE A 320 5.90 -11.08 -33.29
C ILE A 320 6.36 -12.07 -34.35
N SER A 321 6.36 -11.61 -35.60
CA SER A 321 6.92 -12.37 -36.70
C SER A 321 7.51 -11.42 -37.73
N ALA A 322 8.39 -11.94 -38.58
CA ALA A 322 9.07 -11.14 -39.59
C ALA A 322 9.14 -11.92 -40.88
N GLY A 323 9.68 -11.28 -41.92
CA GLY A 323 9.79 -11.88 -43.23
C GLY A 323 11.20 -11.88 -43.79
N ILE A 324 12.12 -11.20 -43.10
CA ILE A 324 13.53 -11.15 -43.50
C ILE A 324 14.38 -11.44 -42.27
N SER A 325 15.30 -12.40 -42.41
CA SER A 325 16.12 -12.81 -41.27
C SER A 325 17.08 -11.71 -40.84
N THR A 326 17.73 -11.06 -41.82
CA THR A 326 18.67 -9.99 -41.50
C THR A 326 17.97 -8.86 -40.76
N LEU A 327 16.77 -8.47 -41.20
CA LEU A 327 16.02 -7.45 -40.50
C LEU A 327 15.50 -7.97 -39.16
N ALA A 328 15.17 -9.26 -39.08
CA ALA A 328 14.71 -9.83 -37.81
C ALA A 328 15.79 -9.80 -36.75
N LEU A 329 17.06 -9.92 -37.15
CA LEU A 329 18.15 -9.81 -36.19
C LEU A 329 18.13 -8.45 -35.49
N TYR A 330 18.02 -7.37 -36.26
CA TYR A 330 17.96 -6.05 -35.66
C TYR A 330 16.66 -5.83 -34.89
N PHE A 331 15.55 -6.39 -35.39
CA PHE A 331 14.30 -6.33 -34.63
C PHE A 331 14.47 -6.94 -33.25
N GLY A 332 15.13 -8.10 -33.17
CA GLY A 332 15.35 -8.72 -31.88
C GLY A 332 16.33 -7.95 -31.01
N VAL A 333 17.38 -7.41 -31.62
CA VAL A 333 18.34 -6.60 -30.86
C VAL A 333 17.63 -5.40 -30.23
N ILE A 334 16.72 -4.77 -30.97
CA ILE A 334 16.02 -3.60 -30.44
C ILE A 334 14.98 -4.02 -29.41
N LEU A 335 14.33 -5.17 -29.61
CA LEU A 335 13.25 -5.57 -28.73
C LEU A 335 13.76 -5.90 -27.33
N GLY A 336 14.96 -6.47 -27.22
CA GLY A 336 15.51 -6.81 -25.93
C GLY A 336 15.05 -8.17 -25.45
N ASN A 337 15.38 -8.44 -24.18
CA ASN A 337 15.06 -9.72 -23.57
C ASN A 337 14.33 -9.52 -22.24
N ARG A 338 13.54 -8.46 -22.14
CA ARG A 338 12.73 -8.19 -20.95
C ARG A 338 11.24 -8.19 -21.22
N GLN A 339 10.81 -7.99 -22.46
CA GLN A 339 9.40 -7.92 -22.80
C GLN A 339 8.86 -9.32 -23.08
N ALA A 340 7.74 -9.66 -22.44
CA ALA A 340 7.07 -10.92 -22.71
C ALA A 340 6.53 -10.94 -24.13
N SER A 341 6.83 -12.02 -24.86
CA SER A 341 6.50 -12.07 -26.28
C SER A 341 6.40 -13.53 -26.73
N ILE A 342 6.01 -13.71 -27.98
CA ILE A 342 5.97 -15.02 -28.63
C ILE A 342 6.43 -14.84 -30.06
N ILE A 343 7.53 -15.47 -30.43
CA ILE A 343 8.08 -15.39 -31.77
C ILE A 343 7.53 -16.53 -32.61
N TYR A 344 6.96 -16.19 -33.76
CA TYR A 344 6.35 -17.15 -34.67
C TYR A 344 7.19 -17.31 -35.93
N HIS A 345 6.96 -18.44 -36.61
CA HIS A 345 7.59 -18.74 -37.89
C HIS A 345 6.50 -19.01 -38.91
N TYR A 346 6.56 -18.32 -40.05
CA TYR A 346 5.53 -18.45 -41.08
C TYR A 346 5.91 -19.57 -42.03
N GLN A 347 5.12 -20.63 -42.01
CA GLN A 347 5.18 -21.73 -42.98
C GLN A 347 3.78 -22.01 -43.51
N LYS A 348 3.05 -20.94 -43.84
CA LYS A 348 1.67 -20.88 -44.33
C LYS A 348 0.67 -20.99 -43.18
N GLU A 349 1.14 -21.11 -41.93
CA GLU A 349 0.26 -21.26 -40.77
C GLU A 349 0.66 -20.40 -39.58
N TYR A 350 1.77 -19.66 -39.65
CA TYR A 350 2.25 -18.82 -38.54
C TYR A 350 2.39 -19.62 -37.24
N HIS A 351 3.17 -20.69 -37.32
CA HIS A 351 3.35 -21.60 -36.20
C HIS A 351 4.13 -20.94 -35.06
N LYS A 352 3.67 -21.15 -33.83
CA LYS A 352 4.42 -20.67 -32.67
C LYS A 352 5.68 -21.51 -32.52
N VAL A 353 6.82 -20.85 -32.36
CA VAL A 353 8.09 -21.57 -32.26
C VAL A 353 8.86 -21.17 -31.00
N ILE A 354 8.67 -19.94 -30.52
CA ILE A 354 9.40 -19.49 -29.34
C ILE A 354 8.45 -18.74 -28.41
N ASP A 355 8.44 -19.09 -27.13
CA ASP A 355 7.50 -18.55 -26.16
C ASP A 355 8.26 -17.94 -24.99
N LEU A 356 8.14 -16.63 -24.80
CA LEU A 356 8.73 -15.88 -23.71
C LEU A 356 7.67 -15.05 -22.99
N THR A 357 6.56 -15.70 -22.61
CA THR A 357 5.50 -14.99 -21.90
C THR A 357 5.80 -14.90 -20.41
N ASP A 358 6.08 -16.04 -19.76
CA ASP A 358 6.25 -16.06 -18.31
C ASP A 358 7.58 -15.44 -17.90
N ASN A 359 8.69 -15.99 -18.39
CA ASN A 359 10.03 -15.52 -18.01
C ASN A 359 10.77 -15.02 -19.24
N PRO A 360 10.85 -13.70 -19.44
CA PRO A 360 11.49 -13.18 -20.66
C PRO A 360 13.01 -13.20 -20.65
N ARG A 361 13.63 -13.10 -19.46
CA ARG A 361 15.08 -12.95 -19.39
C ARG A 361 15.83 -14.29 -19.46
N LYS A 362 15.17 -15.38 -19.84
CA LYS A 362 15.79 -16.70 -19.85
C LYS A 362 16.38 -17.10 -21.20
N ILE A 363 16.70 -16.15 -22.08
CA ILE A 363 17.44 -16.50 -23.29
C ILE A 363 18.92 -16.22 -23.07
N LYS A 364 19.22 -15.25 -22.21
CA LYS A 364 20.62 -14.90 -21.94
C LYS A 364 21.37 -16.03 -21.24
N GLU A 365 20.67 -16.96 -20.60
CA GLU A 365 21.37 -18.07 -19.96
C GLU A 365 21.95 -19.02 -21.00
N LYS A 366 23.13 -19.54 -20.69
CA LYS A 366 23.90 -20.42 -21.55
C LYS A 366 23.73 -21.88 -21.16
N LYS A 367 24.23 -22.76 -22.03
CA LYS A 367 24.17 -24.20 -21.82
C LYS A 367 25.59 -24.75 -21.66
N SER A 368 25.73 -25.69 -20.73
CA SER A 368 27.02 -26.33 -20.51
C SER A 368 27.27 -27.46 -21.50
N GLU A 369 26.22 -28.05 -22.05
CA GLU A 369 26.32 -29.14 -23.02
C GLU A 369 25.51 -28.79 -24.25
N PHE A 370 26.13 -28.90 -25.42
CA PHE A 370 25.44 -28.66 -26.68
C PHE A 370 24.68 -29.92 -27.09
N GLU A 371 23.38 -29.77 -27.35
CA GLU A 371 22.52 -30.89 -27.66
C GLU A 371 21.84 -30.83 -29.02
N LYS A 372 21.74 -29.66 -29.65
CA LYS A 372 21.07 -29.55 -30.93
C LYS A 372 21.93 -28.97 -32.05
N ILE A 373 23.08 -28.37 -31.75
CA ILE A 373 23.90 -27.72 -32.76
C ILE A 373 25.28 -28.35 -32.78
N SER A 374 25.94 -28.22 -33.92
CA SER A 374 27.34 -28.62 -34.10
C SER A 374 28.15 -27.38 -34.44
N VAL A 375 29.29 -27.23 -33.76
CA VAL A 375 30.15 -26.06 -33.87
C VAL A 375 31.54 -26.48 -34.33
N ASN A 376 32.10 -25.73 -35.27
CA ASN A 376 33.46 -25.88 -35.75
C ASN A 376 34.16 -24.55 -35.46
N LYS A 377 34.94 -24.51 -34.39
CA LYS A 377 35.56 -23.29 -33.88
C LYS A 377 37.05 -23.22 -34.20
N ASN A 378 37.54 -21.98 -34.30
CA ASN A 378 38.97 -21.69 -34.40
C ASN A 378 39.14 -20.28 -33.84
N ILE A 379 39.38 -20.20 -32.54
CA ILE A 379 39.30 -18.94 -31.81
C ILE A 379 40.52 -18.09 -32.14
N GLN A 380 40.31 -17.00 -32.89
CA GLN A 380 41.33 -16.00 -33.17
C GLN A 380 40.70 -14.63 -32.99
N ASP A 381 41.51 -13.57 -33.17
CA ASP A 381 41.01 -12.23 -32.88
C ASP A 381 39.92 -11.79 -33.85
N PRO A 382 40.09 -11.87 -35.19
CA PRO A 382 38.95 -11.57 -36.07
C PRO A 382 38.12 -12.81 -36.35
N LEU A 383 36.98 -12.93 -35.67
CA LEU A 383 36.14 -14.12 -35.77
C LEU A 383 35.14 -13.96 -36.91
N MET A 384 35.02 -15.00 -37.73
CA MET A 384 34.01 -15.08 -38.79
C MET A 384 32.93 -16.07 -38.37
N ILE A 385 31.74 -15.56 -38.09
CA ILE A 385 30.62 -16.37 -37.61
C ILE A 385 29.73 -16.74 -38.79
N ILE A 386 29.50 -18.04 -38.97
CA ILE A 386 28.65 -18.55 -40.05
C ILE A 386 27.57 -19.42 -39.42
N ILE A 387 26.31 -19.18 -39.78
CA ILE A 387 25.18 -19.95 -39.28
C ILE A 387 24.47 -20.62 -40.45
N TYR A 388 24.34 -21.94 -40.40
CA TYR A 388 23.72 -22.74 -41.46
C TYR A 388 22.54 -23.49 -40.86
N LEU A 389 21.33 -22.98 -41.10
CA LEU A 389 20.11 -23.60 -40.57
C LEU A 389 18.96 -23.52 -41.56
N ALA A 390 19.25 -23.55 -42.87
CA ALA A 390 18.22 -23.43 -43.88
C ALA A 390 18.54 -24.38 -45.03
N SER A 391 17.71 -24.33 -46.07
CA SER A 391 17.92 -25.18 -47.24
C SER A 391 19.18 -24.77 -48.00
N HIS A 392 19.34 -23.48 -48.25
CA HIS A 392 20.52 -22.99 -48.94
C HIS A 392 21.74 -23.06 -48.02
N ASN A 393 22.86 -23.51 -48.57
CA ASN A 393 24.08 -23.68 -47.80
C ASN A 393 24.99 -22.48 -48.02
N PRO A 394 25.21 -21.63 -47.02
CA PRO A 394 26.06 -20.45 -47.18
C PRO A 394 27.50 -20.63 -46.76
N ILE A 395 27.96 -21.87 -46.57
CA ILE A 395 29.31 -22.09 -46.03
C ILE A 395 30.37 -21.70 -47.04
N GLU A 396 30.15 -22.03 -48.32
CA GLU A 396 31.15 -21.73 -49.35
C GLU A 396 31.39 -20.24 -49.48
N LYS A 397 30.31 -19.47 -49.71
CA LYS A 397 30.43 -18.02 -49.76
C LYS A 397 30.92 -17.46 -48.43
N GLY A 398 30.60 -18.13 -47.32
CA GLY A 398 31.08 -17.66 -46.03
C GLY A 398 32.58 -17.70 -45.91
N LEU A 399 33.19 -18.83 -46.30
CA LEU A 399 34.66 -18.92 -46.27
C LEU A 399 35.30 -18.04 -47.34
N GLU A 400 34.64 -17.90 -48.51
CA GLU A 400 35.14 -16.99 -49.53
C GLU A 400 35.19 -15.56 -49.00
N LEU A 401 34.17 -15.14 -48.26
CA LEU A 401 34.20 -13.83 -47.62
C LEU A 401 35.24 -13.80 -46.50
N LYS A 402 35.40 -14.90 -45.78
CA LYS A 402 36.37 -14.95 -44.68
C LYS A 402 37.77 -14.61 -45.18
N GLU A 403 38.21 -15.25 -46.26
CA GLU A 403 39.53 -14.91 -46.78
C GLU A 403 39.51 -13.66 -47.67
N LYS A 404 38.35 -13.31 -48.22
CA LYS A 404 38.24 -12.14 -49.08
C LYS A 404 38.34 -10.86 -48.27
N LEU A 405 37.74 -10.84 -47.08
CA LEU A 405 37.74 -9.69 -46.19
C LEU A 405 38.90 -9.74 -45.20
N ARG A 406 39.79 -10.72 -45.33
CA ARG A 406 40.94 -10.89 -44.45
C ARG A 406 40.48 -11.16 -43.01
N ALA A 407 39.55 -12.11 -42.87
CA ALA A 407 39.15 -12.60 -41.57
C ALA A 407 39.95 -13.85 -41.25
N LYS A 408 40.67 -13.83 -40.13
CA LYS A 408 41.51 -14.96 -39.77
C LYS A 408 40.69 -16.11 -39.19
N GLY A 409 39.83 -15.80 -38.20
CA GLY A 409 39.14 -16.83 -37.45
C GLY A 409 38.00 -17.44 -38.21
N GLU A 410 37.46 -18.52 -37.63
CA GLU A 410 36.34 -19.24 -38.23
C GLU A 410 35.50 -19.85 -37.12
N LEU A 411 34.18 -19.75 -37.27
CA LEU A 411 33.24 -20.33 -36.30
C LEU A 411 31.97 -20.67 -37.06
N ILE A 412 31.87 -21.93 -37.50
CA ILE A 412 30.72 -22.43 -38.24
C ILE A 412 29.77 -23.12 -37.27
N ILE A 413 28.48 -22.81 -37.38
CA ILE A 413 27.45 -23.40 -36.53
C ILE A 413 26.36 -23.94 -37.44
N GLN A 414 25.94 -25.18 -37.21
CA GLN A 414 24.88 -25.77 -38.03
C GLN A 414 24.09 -26.75 -37.17
N SER A 415 23.05 -27.33 -37.76
CA SER A 415 22.23 -28.27 -37.03
C SER A 415 22.94 -29.60 -36.86
N LYS A 416 22.53 -30.35 -35.84
CA LYS A 416 23.11 -31.65 -35.52
C LYS A 416 22.20 -32.75 -36.07
N GLU A 417 22.68 -33.45 -37.10
CA GLU A 417 22.02 -34.62 -37.68
C GLU A 417 20.59 -34.34 -38.12
N HIS A 418 20.30 -33.12 -38.56
CA HIS A 418 19.02 -32.77 -39.15
C HIS A 418 19.11 -32.50 -40.64
N GLN A 419 20.26 -32.82 -41.25
CA GLN A 419 20.51 -32.62 -42.67
C GLN A 419 20.18 -31.21 -43.13
N GLY A 420 20.85 -30.23 -42.51
CA GLY A 420 20.70 -28.85 -42.94
C GLY A 420 19.40 -28.20 -42.52
N ASN A 421 18.42 -28.24 -43.42
CA ASN A 421 17.15 -27.56 -43.21
C ASN A 421 16.48 -28.03 -41.93
N LEU A 422 15.91 -27.08 -41.19
CA LEU A 422 15.31 -27.34 -39.89
C LEU A 422 13.80 -27.48 -40.00
N GLU A 423 13.24 -28.37 -39.17
CA GLU A 423 11.81 -28.61 -39.06
C GLU A 423 11.17 -27.71 -38.02
N ILE A 424 9.84 -27.59 -38.10
CA ILE A 424 9.09 -26.80 -37.13
C ILE A 424 9.15 -27.46 -35.76
N GLY A 425 9.28 -26.64 -34.72
CA GLY A 425 9.36 -27.16 -33.38
C GLY A 425 9.78 -26.08 -32.40
N ASP A 426 10.01 -26.49 -31.15
CA ASP A 426 10.51 -25.58 -30.14
C ASP A 426 11.93 -25.18 -30.48
N TRP A 427 12.16 -23.88 -30.68
CA TRP A 427 13.45 -23.37 -31.12
C TRP A 427 14.17 -22.54 -30.06
N SER A 428 13.70 -22.57 -28.80
CA SER A 428 14.37 -21.80 -27.77
C SER A 428 15.76 -22.35 -27.46
N ASP A 429 15.90 -23.68 -27.46
CA ASP A 429 17.18 -24.29 -27.14
C ASP A 429 18.21 -24.02 -28.23
N ILE A 430 17.79 -24.02 -29.50
CA ILE A 430 18.72 -23.73 -30.59
C ILE A 430 19.27 -22.32 -30.47
N VAL A 431 18.38 -21.35 -30.21
CA VAL A 431 18.82 -19.96 -30.06
C VAL A 431 19.72 -19.81 -28.85
N SER A 432 19.37 -20.47 -27.75
CA SER A 432 20.19 -20.39 -26.54
C SER A 432 21.58 -20.97 -26.79
N GLU A 433 21.67 -22.08 -27.53
CA GLU A 433 22.96 -22.69 -27.80
C GLU A 433 23.79 -21.83 -28.76
N ILE A 434 23.15 -21.23 -29.76
CA ILE A 434 23.88 -20.33 -30.66
C ILE A 434 24.41 -19.14 -29.88
N TYR A 435 23.59 -18.56 -28.99
CA TYR A 435 24.05 -17.45 -28.17
C TYR A 435 25.17 -17.88 -27.24
N THR A 436 25.10 -19.09 -26.71
CA THR A 436 26.17 -19.63 -25.87
C THR A 436 27.47 -19.69 -26.63
N ALA A 437 27.43 -20.25 -27.84
CA ALA A 437 28.64 -20.35 -28.67
C ALA A 437 29.19 -18.97 -29.01
N ILE A 438 28.30 -18.01 -29.29
CA ILE A 438 28.76 -16.68 -29.67
C ILE A 438 29.37 -15.95 -28.48
N ASP A 439 28.76 -16.08 -27.29
CA ASP A 439 29.23 -15.35 -26.12
C ASP A 439 30.49 -15.97 -25.53
N ASP A 440 30.64 -17.30 -25.63
CA ASP A 440 31.82 -17.95 -25.06
C ASP A 440 33.06 -17.76 -25.93
N ASN A 441 32.88 -17.38 -27.21
CA ASN A 441 33.98 -17.14 -28.13
C ASN A 441 34.02 -15.69 -28.59
N LYS A 442 33.46 -14.78 -27.80
CA LYS A 442 33.43 -13.37 -28.18
C LYS A 442 34.84 -12.81 -28.30
N GLN A 443 35.04 -11.93 -29.26
CA GLN A 443 36.33 -11.35 -29.54
C GLN A 443 36.21 -9.83 -29.61
N LYS A 444 37.33 -9.18 -29.95
CA LYS A 444 37.33 -7.72 -30.00
C LYS A 444 36.48 -7.19 -31.16
N GLU A 445 36.61 -7.80 -32.33
CA GLU A 445 35.83 -7.38 -33.49
C GLU A 445 35.51 -8.62 -34.31
N ASN A 446 34.24 -8.82 -34.64
CA ASN A 446 33.81 -10.03 -35.35
C ASN A 446 32.74 -9.71 -36.38
N TYR A 447 32.67 -10.56 -37.39
CA TYR A 447 31.70 -10.46 -38.48
C TYR A 447 30.83 -11.71 -38.49
N MET A 448 29.59 -11.55 -38.95
CA MET A 448 28.60 -12.62 -38.91
C MET A 448 27.79 -12.65 -40.20
N VAL A 449 27.59 -13.86 -40.72
CA VAL A 449 26.68 -14.12 -41.82
C VAL A 449 25.79 -15.28 -41.40
N PHE A 450 24.64 -15.41 -42.08
CA PHE A 450 23.68 -16.41 -41.68
C PHE A 450 22.71 -16.71 -42.81
N SER A 451 22.24 -17.97 -42.83
CA SER A 451 21.11 -18.41 -43.65
C SER A 451 20.21 -19.21 -42.71
N ALA A 452 19.22 -18.54 -42.13
CA ALA A 452 18.43 -19.08 -41.04
C ALA A 452 17.04 -18.49 -41.11
N PRO A 453 16.05 -19.11 -40.45
CA PRO A 453 14.69 -18.56 -40.47
C PRO A 453 14.58 -17.30 -39.62
N VAL A 454 13.49 -16.57 -39.85
CA VAL A 454 13.31 -15.26 -39.24
C VAL A 454 13.22 -15.38 -37.72
N ALA A 455 12.56 -16.42 -37.23
CA ALA A 455 12.35 -16.56 -35.79
C ALA A 455 13.67 -16.80 -35.06
N ILE A 456 14.53 -17.64 -35.62
CA ILE A 456 15.83 -17.91 -35.00
C ILE A 456 16.64 -16.63 -34.89
N MET A 457 16.68 -15.86 -35.98
CA MET A 457 17.45 -14.61 -35.97
C MET A 457 16.85 -13.59 -35.00
N LEU A 458 15.53 -13.51 -34.93
CA LEU A 458 14.89 -12.56 -34.02
C LEU A 458 15.19 -12.91 -32.56
N ALA A 459 15.07 -14.19 -32.20
CA ALA A 459 15.39 -14.59 -30.84
C ALA A 459 16.87 -14.42 -30.54
N LEU A 460 17.73 -14.65 -31.55
CA LEU A 460 19.16 -14.44 -31.35
C LEU A 460 19.46 -12.97 -31.11
N GLY A 461 18.75 -12.08 -31.80
CA GLY A 461 18.90 -10.66 -31.54
C GLY A 461 18.42 -10.28 -30.15
N MET A 462 17.31 -10.86 -29.72
CA MET A 462 16.85 -10.61 -28.35
C MET A 462 17.85 -11.11 -27.32
N ALA A 463 18.55 -12.20 -27.62
CA ALA A 463 19.51 -12.75 -26.67
C ALA A 463 20.81 -11.96 -26.65
N LEU A 464 21.26 -11.48 -27.82
CA LEU A 464 22.55 -10.81 -27.90
C LEU A 464 22.52 -9.43 -27.25
N GLY A 465 21.46 -8.66 -27.51
CA GLY A 465 21.49 -7.27 -27.08
C GLY A 465 22.39 -6.45 -27.99
N TYR A 466 22.78 -5.28 -27.49
CA TYR A 466 23.69 -4.39 -28.22
C TYR A 466 25.08 -4.35 -27.59
N PHE A 467 25.51 -5.45 -26.98
CA PHE A 467 26.78 -5.49 -26.27
C PHE A 467 27.92 -6.05 -27.11
N LEU A 468 27.64 -6.71 -28.23
CA LEU A 468 28.68 -7.38 -29.00
C LEU A 468 28.99 -6.61 -30.26
N PRO A 469 30.28 -6.36 -30.54
CA PRO A 469 30.68 -5.60 -31.75
C PRO A 469 30.74 -6.49 -33.01
N ILE A 470 29.57 -6.76 -33.57
CA ILE A 470 29.42 -7.68 -34.69
C ILE A 470 28.97 -6.90 -35.92
N LYS A 471 29.60 -7.21 -37.05
CA LYS A 471 29.19 -6.63 -38.34
C LYS A 471 28.42 -7.66 -39.16
N VAL A 472 27.24 -7.27 -39.63
CA VAL A 472 26.30 -8.17 -40.28
C VAL A 472 26.36 -7.98 -41.79
N PHE A 473 26.27 -9.08 -42.53
CA PHE A 473 26.28 -9.10 -43.98
C PHE A 473 25.02 -9.76 -44.50
N HIS A 474 24.31 -9.08 -45.41
CA HIS A 474 23.08 -9.60 -45.99
C HIS A 474 23.34 -10.31 -47.31
N TYR A 475 22.77 -11.51 -47.46
CA TYR A 475 22.93 -12.35 -48.64
C TYR A 475 21.68 -12.24 -49.51
N ASN A 476 21.78 -11.49 -50.61
CA ASN A 476 20.64 -11.35 -51.50
C ASN A 476 20.55 -12.51 -52.47
N ARG A 477 21.56 -12.68 -53.32
CA ARG A 477 21.57 -13.74 -54.33
C ARG A 477 23.04 -13.98 -54.72
N ASP A 478 23.66 -14.98 -54.09
CA ASP A 478 25.01 -15.45 -54.35
C ASP A 478 26.06 -14.43 -53.91
N GLU A 479 25.66 -13.30 -53.34
CA GLU A 479 26.59 -12.24 -52.98
C GLU A 479 26.18 -11.61 -51.65
N TYR A 480 27.16 -11.13 -50.91
CA TYR A 480 26.97 -10.52 -49.60
C TYR A 480 27.22 -9.02 -49.68
N ILE A 481 26.40 -8.25 -48.96
CA ILE A 481 26.55 -6.80 -48.87
C ILE A 481 26.61 -6.41 -47.39
N GLU A 482 27.58 -5.56 -47.04
CA GLU A 482 27.74 -5.15 -45.65
C GLU A 482 26.60 -4.24 -45.21
N VAL A 483 25.99 -4.57 -44.07
CA VAL A 483 25.04 -3.68 -43.43
C VAL A 483 25.84 -2.63 -42.67
N PRO A 484 25.62 -1.33 -42.93
CA PRO A 484 26.49 -0.30 -42.34
C PRO A 484 26.17 -0.01 -40.88
N ILE A 485 25.52 -0.95 -40.19
CA ILE A 485 25.12 -0.78 -38.80
C ILE A 485 25.75 -1.90 -37.98
N LYS A 486 26.66 -1.54 -37.08
CA LYS A 486 27.20 -2.50 -36.14
C LYS A 486 26.15 -2.85 -35.08
N LEU A 487 26.22 -4.09 -34.57
CA LEU A 487 25.26 -4.58 -33.59
C LEU A 487 25.47 -3.99 -32.20
N ASN A 488 26.51 -3.18 -31.98
CA ASN A 488 26.78 -2.59 -30.68
C ASN A 488 26.63 -1.08 -30.66
N GLU A 489 25.95 -0.51 -31.67
CA GLU A 489 25.79 0.93 -31.73
C GLU A 489 24.75 1.40 -30.72
N GLU A 490 24.92 2.63 -30.24
CA GLU A 490 24.03 3.18 -29.22
C GLU A 490 22.60 3.34 -29.71
N ILE A 491 22.41 3.47 -31.02
CA ILE A 491 21.06 3.61 -31.58
C ILE A 491 20.23 2.35 -31.38
N LEU A 492 20.86 1.21 -31.11
CA LEU A 492 20.16 -0.06 -30.96
C LEU A 492 19.95 -0.45 -29.50
N ARG A 493 20.13 0.48 -28.57
CA ARG A 493 19.93 0.15 -27.16
C ARG A 493 18.45 -0.16 -26.91
N SER A 494 18.20 -1.26 -26.22
CA SER A 494 16.84 -1.71 -25.99
C SER A 494 16.20 -0.90 -24.86
N PRO A 495 15.11 -0.17 -25.12
CA PRO A 495 14.40 0.53 -24.05
C PRO A 495 13.30 -0.28 -23.37
N PHE A 496 13.18 -1.57 -23.68
CA PHE A 496 12.13 -2.40 -23.09
C PHE A 496 12.72 -3.41 -22.13
N SER B 1 -11.30 31.91 -17.56
CA SER B 1 -10.96 30.49 -17.65
C SER B 1 -11.59 29.69 -16.51
N THR B 2 -12.54 30.30 -15.81
CA THR B 2 -13.20 29.64 -14.70
C THR B 2 -14.45 28.90 -15.20
N SER B 3 -14.55 27.62 -14.85
CA SER B 3 -15.71 26.82 -15.18
C SER B 3 -16.76 26.81 -14.07
N GLN B 4 -16.65 27.68 -13.07
CA GLN B 4 -17.62 27.69 -11.99
C GLN B 4 -18.96 28.21 -12.50
N LYS B 5 -20.02 27.45 -12.21
CA LYS B 5 -21.35 27.77 -12.71
C LYS B 5 -22.15 28.61 -11.72
N ALA B 6 -21.76 28.63 -10.45
CA ALA B 6 -22.54 29.35 -9.46
C ALA B 6 -21.64 29.75 -8.29
N THR B 7 -22.07 30.80 -7.59
CA THR B 7 -21.42 31.28 -6.39
C THR B 7 -22.48 31.88 -5.49
N TYR B 8 -22.13 32.10 -4.22
CA TYR B 8 -23.09 32.60 -3.25
C TYR B 8 -22.46 33.68 -2.38
N THR B 9 -23.31 34.61 -1.91
CA THR B 9 -22.93 35.58 -0.89
C THR B 9 -24.03 35.58 0.17
N ASP B 10 -24.00 36.56 1.07
CA ASP B 10 -25.03 36.65 2.11
C ASP B 10 -26.36 37.16 1.56
N ASP B 11 -26.35 37.85 0.41
CA ASP B 11 -27.57 38.44 -0.12
C ASP B 11 -28.13 37.74 -1.34
N PHE B 12 -27.27 37.13 -2.16
CA PHE B 12 -27.74 36.61 -3.44
C PHE B 12 -26.91 35.39 -3.83
N VAL B 13 -27.39 34.69 -4.85
CA VAL B 13 -26.70 33.57 -5.46
C VAL B 13 -26.58 33.85 -6.96
N LEU B 14 -25.34 33.81 -7.47
CA LEU B 14 -25.10 34.00 -8.89
C LEU B 14 -25.10 32.64 -9.59
N TYR B 15 -25.89 32.54 -10.65
CA TYR B 15 -25.98 31.32 -11.46
C TYR B 15 -25.61 31.66 -12.90
N ARG B 16 -24.77 30.83 -13.51
CA ARG B 16 -24.29 31.06 -14.87
C ARG B 16 -25.14 30.23 -15.83
N GLY B 17 -25.87 30.91 -16.70
CA GLY B 17 -26.70 30.28 -17.70
C GLY B 17 -25.99 30.15 -19.04
N ASP B 18 -26.78 29.89 -20.08
CA ASP B 18 -26.22 29.75 -21.42
C ASP B 18 -25.72 31.09 -21.94
N ASP B 19 -26.61 32.10 -21.96
CA ASP B 19 -26.26 33.42 -22.47
C ASP B 19 -26.53 34.53 -21.45
N PHE B 20 -26.75 34.18 -20.18
CA PHE B 20 -27.09 35.16 -19.15
C PHE B 20 -26.41 34.79 -17.85
N ILE B 21 -26.53 35.69 -16.87
CA ILE B 21 -26.13 35.44 -15.49
C ILE B 21 -27.26 35.91 -14.60
N GLU B 22 -27.73 35.02 -13.73
CA GLU B 22 -28.92 35.25 -12.93
C GLU B 22 -28.53 35.51 -11.47
N ILE B 23 -29.08 36.60 -10.93
CA ILE B 23 -28.91 36.95 -9.53
C ILE B 23 -30.19 36.51 -8.81
N ILE B 24 -30.05 35.54 -7.92
CA ILE B 24 -31.17 35.02 -7.14
C ILE B 24 -31.05 35.68 -5.76
N ILE B 25 -31.85 36.72 -5.54
CA ILE B 25 -31.81 37.45 -4.28
C ILE B 25 -32.47 36.62 -3.19
N ASP B 26 -31.94 36.75 -1.97
CA ASP B 26 -32.52 36.07 -0.82
C ASP B 26 -33.97 36.51 -0.61
N GLU B 27 -34.81 35.56 -0.21
CA GLU B 27 -36.24 35.80 -0.03
C GLU B 27 -36.53 36.86 1.03
N LYS B 28 -35.56 37.22 1.87
CA LYS B 28 -35.80 38.20 2.90
C LYS B 28 -36.07 39.59 2.32
N TYR B 29 -35.59 39.88 1.12
CA TYR B 29 -35.84 41.15 0.46
C TYR B 29 -37.12 41.15 -0.36
N LEU B 30 -37.97 40.14 -0.20
CA LEU B 30 -39.19 40.03 -0.99
C LEU B 30 -40.21 41.08 -0.58
N ASN B 31 -40.92 41.62 -1.57
CA ASN B 31 -41.97 42.63 -1.40
C ASN B 31 -41.45 43.91 -0.74
N LYS B 32 -40.15 44.14 -0.77
CA LYS B 32 -39.54 45.34 -0.23
C LYS B 32 -38.93 46.17 -1.36
N LYS B 33 -38.89 47.48 -1.17
CA LYS B 33 -38.26 48.36 -2.14
C LYS B 33 -36.75 48.27 -2.00
N VAL B 34 -36.09 47.82 -3.06
CA VAL B 34 -34.64 47.63 -3.07
C VAL B 34 -34.05 48.35 -4.28
N LYS B 35 -32.72 48.43 -4.28
CA LYS B 35 -31.96 49.02 -5.37
C LYS B 35 -30.74 48.14 -5.57
N ILE B 36 -30.75 47.35 -6.64
CA ILE B 36 -29.66 46.45 -6.96
C ILE B 36 -28.73 47.15 -7.95
N LEU B 37 -27.45 47.25 -7.57
CA LEU B 37 -26.44 47.97 -8.34
C LEU B 37 -25.32 47.02 -8.73
N LEU B 38 -24.96 47.04 -10.01
CA LEU B 38 -23.75 46.39 -10.50
C LEU B 38 -22.68 47.47 -10.67
N ASP B 39 -21.61 47.37 -9.88
CA ASP B 39 -20.61 48.43 -9.76
C ASP B 39 -21.32 49.68 -9.25
N ASN B 40 -21.28 50.80 -9.97
CA ASN B 40 -22.05 51.98 -9.60
C ASN B 40 -23.19 52.27 -10.58
N ASP B 41 -23.57 51.28 -11.37
CA ASP B 41 -24.67 51.40 -12.30
C ASP B 41 -25.91 50.70 -11.76
N THR B 42 -27.06 51.32 -11.92
CA THR B 42 -28.30 50.75 -11.43
C THR B 42 -28.78 49.68 -12.40
N ILE B 43 -29.01 48.48 -11.88
CA ILE B 43 -29.68 47.43 -12.65
C ILE B 43 -31.10 47.18 -12.17
N PHE B 44 -31.44 47.56 -10.95
CA PHE B 44 -32.84 47.49 -10.52
C PHE B 44 -33.08 48.53 -9.45
N ASN B 45 -34.30 49.08 -9.43
CA ASN B 45 -34.67 50.05 -8.41
C ASN B 45 -36.19 50.06 -8.30
N GLY B 46 -36.72 49.32 -7.33
CA GLY B 46 -38.16 49.25 -7.16
C GLY B 46 -38.53 48.17 -6.17
N ILE B 47 -39.82 47.83 -6.16
CA ILE B 47 -40.34 46.81 -5.26
C ILE B 47 -39.98 45.44 -5.83
N LEU B 48 -39.23 44.66 -5.06
CA LEU B 48 -38.74 43.37 -5.54
C LEU B 48 -39.80 42.31 -5.27
N LYS B 49 -40.55 41.94 -6.30
CA LYS B 49 -41.52 40.86 -6.20
C LYS B 49 -41.03 39.56 -6.83
N ASP B 50 -39.95 39.62 -7.62
CA ASP B 50 -39.35 38.44 -8.23
C ASP B 50 -37.88 38.41 -7.86
N THR B 51 -37.45 37.34 -7.20
CA THR B 51 -36.10 37.24 -6.66
C THR B 51 -35.03 37.02 -7.73
N SER B 52 -35.38 37.02 -9.01
CA SER B 52 -34.43 36.72 -10.08
C SER B 52 -34.22 37.95 -10.95
N ILE B 53 -32.96 38.37 -11.07
CA ILE B 53 -32.58 39.48 -11.93
C ILE B 53 -31.52 38.98 -12.91
N PHE B 54 -31.82 39.05 -14.19
CA PHE B 54 -30.92 38.51 -15.21
C PHE B 54 -30.13 39.62 -15.87
N ILE B 55 -28.84 39.38 -16.06
CA ILE B 55 -27.95 40.36 -16.71
C ILE B 55 -27.15 39.65 -17.80
N PRO B 56 -26.79 40.34 -18.87
CA PRO B 56 -26.05 39.67 -19.96
C PRO B 56 -24.62 39.35 -19.56
N VAL B 57 -24.13 38.22 -20.06
CA VAL B 57 -22.75 37.81 -19.87
C VAL B 57 -22.05 37.83 -21.22
N LYS B 58 -20.88 38.46 -21.28
CA LYS B 58 -20.10 38.64 -22.48
C LYS B 58 -18.77 37.90 -22.49
N GLU B 59 -17.99 37.98 -21.40
CA GLU B 59 -16.59 37.58 -21.44
C GLU B 59 -16.26 36.49 -20.41
N GLN B 60 -17.27 35.78 -19.91
CA GLN B 60 -17.09 34.68 -18.97
C GLN B 60 -16.21 35.09 -17.79
N ILE B 61 -16.58 36.20 -17.15
CA ILE B 61 -15.73 36.75 -16.09
C ILE B 61 -15.83 35.87 -14.85
N ASP B 62 -14.78 35.93 -14.02
CA ASP B 62 -14.76 35.22 -12.74
C ASP B 62 -15.98 35.60 -11.92
N LEU B 63 -16.79 34.59 -11.57
CA LEU B 63 -18.05 34.86 -10.87
C LEU B 63 -17.82 35.44 -9.49
N GLU B 64 -16.68 35.14 -8.86
CA GLU B 64 -16.38 35.71 -7.55
C GLU B 64 -16.25 37.23 -7.64
N GLU B 65 -15.50 37.72 -8.63
CA GLU B 65 -15.36 39.16 -8.81
C GLU B 65 -16.71 39.82 -9.10
N LEU B 66 -17.51 39.21 -9.98
CA LEU B 66 -18.82 39.76 -10.28
C LEU B 66 -19.70 39.82 -9.03
N ALA B 67 -19.65 38.78 -8.19
CA ALA B 67 -20.39 38.83 -6.94
C ALA B 67 -19.86 39.90 -6.00
N LYS B 68 -18.55 40.16 -6.05
CA LYS B 68 -17.98 41.26 -5.29
C LYS B 68 -18.48 42.61 -5.80
N HIS B 69 -18.84 42.68 -7.07
CA HIS B 69 -19.27 43.95 -7.68
C HIS B 69 -20.75 44.24 -7.52
N ILE B 70 -21.58 43.22 -7.37
CA ILE B 70 -23.02 43.42 -7.24
C ILE B 70 -23.37 43.71 -5.78
N SER B 71 -24.37 44.56 -5.58
CA SER B 71 -24.77 44.95 -4.23
C SER B 71 -26.26 45.24 -4.19
N ILE B 72 -26.89 44.86 -3.08
CA ILE B 72 -28.30 45.09 -2.83
C ILE B 72 -28.43 46.17 -1.77
N LEU B 73 -29.28 47.17 -2.02
CA LEU B 73 -29.44 48.30 -1.12
C LEU B 73 -30.93 48.55 -0.86
N PRO B 74 -31.47 48.09 0.26
CA PRO B 74 -32.85 48.41 0.59
C PRO B 74 -32.99 49.88 0.96
N GLU B 75 -34.21 50.38 0.89
CA GLU B 75 -34.52 51.77 1.19
C GLU B 75 -35.53 51.85 2.33
N GLY B 76 -35.26 52.73 3.29
CA GLY B 76 -36.10 52.89 4.46
C GLY B 76 -35.28 53.02 5.73
N GLY C 1 -6.81 32.54 51.11
CA GLY C 1 -5.68 31.80 50.57
C GLY C 1 -5.20 32.33 49.24
N HIS C 2 -4.00 31.89 48.83
CA HIS C 2 -3.43 32.33 47.56
C HIS C 2 -4.27 31.86 46.38
N ILE C 3 -4.76 30.61 46.44
CA ILE C 3 -5.51 30.06 45.33
C ILE C 3 -6.83 30.79 45.16
N LYS C 4 -7.50 31.13 46.26
CA LYS C 4 -8.73 31.90 46.16
C LYS C 4 -8.47 33.24 45.49
N GLN C 5 -7.34 33.87 45.82
CA GLN C 5 -6.99 35.16 45.20
C GLN C 5 -6.75 34.99 43.71
N LEU C 6 -5.92 34.01 43.34
CA LEU C 6 -5.59 33.81 41.93
C LEU C 6 -6.83 33.47 41.11
N LEU C 7 -7.71 32.63 41.65
CA LEU C 7 -8.94 32.28 40.95
C LEU C 7 -9.87 33.47 40.83
N LYS C 8 -9.97 34.28 41.88
CA LYS C 8 -10.76 35.51 41.81
C LYS C 8 -10.32 36.37 40.65
N ASN C 9 -9.02 36.46 40.41
CA ASN C 9 -8.46 37.24 39.31
C ASN C 9 -8.32 36.44 38.03
N LYS C 10 -8.87 35.22 37.99
CA LYS C 10 -8.83 34.36 36.80
C LYS C 10 -7.40 34.17 36.32
N ARG C 11 -6.50 33.89 37.27
CA ARG C 11 -5.08 33.70 36.97
C ARG C 11 -4.80 32.21 36.74
N PHE C 12 -5.40 31.68 35.67
CA PHE C 12 -5.34 30.24 35.43
C PHE C 12 -3.95 29.80 34.99
N GLU C 13 -3.19 30.68 34.33
CA GLU C 13 -1.82 30.33 33.98
C GLU C 13 -0.95 30.17 35.22
N VAL C 14 -1.13 31.04 36.21
CA VAL C 14 -0.34 30.94 37.44
C VAL C 14 -0.76 29.71 38.23
N ILE C 15 -2.05 29.39 38.23
CA ILE C 15 -2.54 28.19 38.91
C ILE C 15 -1.97 26.94 38.25
N LYS C 16 -1.98 26.90 36.91
CA LYS C 16 -1.38 25.76 36.22
C LYS C 16 0.10 25.65 36.52
N ALA C 17 0.81 26.78 36.57
CA ALA C 17 2.24 26.75 36.87
C ALA C 17 2.49 26.23 38.28
N LEU C 18 1.64 26.62 39.24
CA LEU C 18 1.78 26.12 40.60
C LEU C 18 1.48 24.63 40.67
N VAL C 19 0.47 24.17 39.93
CA VAL C 19 0.10 22.76 39.96
C VAL C 19 1.21 21.91 39.34
N GLU C 20 1.80 22.37 38.24
CA GLU C 20 2.89 21.62 37.63
C GLU C 20 4.11 21.56 38.53
N SER C 21 4.32 22.58 39.36
CA SER C 21 5.43 22.61 40.29
C SER C 21 5.19 21.77 41.55
N LYS C 22 4.03 21.11 41.64
CA LYS C 22 3.67 20.24 42.77
C LYS C 22 3.68 20.97 44.11
N LYS C 23 3.65 22.29 44.10
CA LYS C 23 3.63 23.11 45.31
C LYS C 23 2.18 23.54 45.57
N ILE C 24 1.47 22.75 46.37
CA ILE C 24 0.04 22.97 46.62
C ILE C 24 -0.23 22.73 48.10
N LYS C 25 -0.80 23.72 48.77
CA LYS C 25 -1.28 23.52 50.13
C LYS C 25 -2.52 22.65 50.12
N GLN C 26 -2.67 21.83 51.17
CA GLN C 26 -3.87 21.01 51.29
C GLN C 26 -5.11 21.88 51.42
N GLU C 27 -5.01 22.98 52.15
CA GLU C 27 -6.14 23.89 52.34
C GLU C 27 -6.61 24.51 51.03
N TRP C 28 -5.77 24.50 49.99
CA TRP C 28 -6.17 25.00 48.69
C TRP C 28 -7.01 24.00 47.90
N LEU C 29 -6.89 22.71 48.23
CA LEU C 29 -7.40 21.65 47.35
C LEU C 29 -8.84 21.89 46.94
N GLU C 30 -9.69 22.24 47.91
CA GLU C 30 -11.10 22.49 47.61
C GLU C 30 -11.26 23.43 46.43
N ASP C 31 -10.67 24.62 46.53
CA ASP C 31 -10.75 25.59 45.44
C ASP C 31 -10.27 24.97 44.13
N LEU C 32 -9.13 24.28 44.17
CA LEU C 32 -8.62 23.63 42.98
C LEU C 32 -9.65 22.68 42.38
N TYR C 33 -10.28 21.85 43.23
CA TYR C 33 -11.29 20.92 42.74
C TYR C 33 -12.42 21.67 42.05
N SER C 34 -12.79 22.84 42.59
CA SER C 34 -13.86 23.61 41.98
C SER C 34 -13.52 24.03 40.56
N ILE C 35 -12.23 24.24 40.27
CA ILE C 35 -11.81 24.61 38.92
C ILE C 35 -12.24 23.54 37.92
N LEU C 36 -12.34 22.28 38.37
CA LEU C 36 -12.73 21.21 37.47
C LEU C 36 -14.15 21.35 36.95
N LEU C 37 -14.98 22.16 37.60
CA LEU C 37 -16.38 22.31 37.19
C LEU C 37 -16.63 23.56 36.36
N LYS C 38 -15.64 24.43 36.19
CA LYS C 38 -15.84 25.64 35.40
C LYS C 38 -16.00 25.30 33.92
N GLN C 39 -16.65 26.21 33.20
CA GLN C 39 -16.85 26.02 31.77
C GLN C 39 -15.54 26.27 31.03
N ASP C 40 -15.27 25.43 30.02
CA ASP C 40 -14.05 25.55 29.23
C ASP C 40 -14.20 26.66 28.19
N THR C 41 -14.18 27.89 28.68
CA THR C 41 -14.36 29.05 27.81
C THR C 41 -13.08 29.42 27.07
N ASP C 42 -11.92 29.08 27.63
CA ASP C 42 -10.65 29.31 26.96
C ASP C 42 -9.67 28.21 27.34
N VAL C 43 -8.55 28.17 26.62
CA VAL C 43 -7.63 27.05 26.74
C VAL C 43 -6.95 27.02 28.11
N GLU C 44 -6.83 28.18 28.76
CA GLU C 44 -6.20 28.23 30.08
C GLU C 44 -6.94 27.36 31.09
N ILE C 45 -8.28 27.45 31.10
CA ILE C 45 -9.06 26.66 32.05
C ILE C 45 -8.90 25.18 31.79
N THR C 46 -8.95 24.77 30.52
CA THR C 46 -8.85 23.35 30.20
C THR C 46 -7.47 22.79 30.56
N GLN C 47 -6.41 23.53 30.25
CA GLN C 47 -5.07 23.06 30.62
C GLN C 47 -4.89 23.01 32.13
N ALA C 48 -5.47 23.98 32.85
CA ALA C 48 -5.44 23.93 34.30
C ALA C 48 -6.15 22.69 34.82
N LYS C 49 -7.32 22.38 34.25
CA LYS C 49 -8.03 21.16 34.63
C LYS C 49 -7.18 19.93 34.41
N TYR C 50 -6.55 19.84 33.23
CA TYR C 50 -5.75 18.66 32.90
C TYR C 50 -4.59 18.49 33.89
N GLU C 51 -3.88 19.58 34.17
CA GLU C 51 -2.75 19.47 35.09
C GLU C 51 -3.20 19.19 36.52
N ILE C 52 -4.34 19.73 36.93
CA ILE C 52 -4.88 19.42 38.26
C ILE C 52 -5.21 17.93 38.36
N ILE C 53 -5.87 17.39 37.34
CA ILE C 53 -6.21 15.97 37.38
C ILE C 53 -4.96 15.11 37.38
N LYS C 54 -3.97 15.46 36.56
CA LYS C 54 -2.74 14.68 36.53
C LYS C 54 -2.02 14.75 37.88
N LEU C 55 -2.06 15.90 38.54
CA LEU C 55 -1.44 15.99 39.86
C LEU C 55 -2.19 15.14 40.89
N LEU C 56 -3.53 15.18 40.86
CA LEU C 56 -4.30 14.35 41.77
C LEU C 56 -4.03 12.87 41.55
N LEU C 57 -3.76 12.46 40.31
CA LEU C 57 -3.55 11.06 40.01
C LEU C 57 -2.12 10.60 40.24
N THR C 58 -1.14 11.49 40.11
CA THR C 58 0.24 11.10 40.29
C THR C 58 0.73 11.30 41.72
N GLU C 59 0.28 12.36 42.39
CA GLU C 59 0.58 12.62 43.79
C GLU C 59 -0.70 12.43 44.57
N LYS C 60 -1.00 11.17 44.89
CA LYS C 60 -2.29 10.83 45.50
C LYS C 60 -2.46 11.38 46.90
N LYS C 61 -1.44 12.04 47.47
CA LYS C 61 -1.62 12.74 48.74
C LYS C 61 -2.58 13.91 48.61
N TYR C 62 -2.80 14.39 47.39
CA TYR C 62 -3.81 15.42 47.12
C TYR C 62 -5.15 14.83 46.71
N LEU C 63 -5.19 13.55 46.37
CA LEU C 63 -6.44 12.89 46.02
C LEU C 63 -7.28 12.69 47.28
N ASN C 64 -8.45 13.32 47.33
CA ASN C 64 -9.27 13.34 48.53
C ASN C 64 -10.69 12.87 48.19
N PHE C 65 -11.16 11.87 48.94
CA PHE C 65 -12.47 11.29 48.66
C PHE C 65 -13.60 12.26 48.98
N GLU C 66 -13.47 13.03 50.06
CA GLU C 66 -14.51 13.97 50.42
C GLU C 66 -14.69 15.03 49.34
N LEU C 67 -13.58 15.53 48.77
CA LEU C 67 -13.68 16.49 47.68
C LEU C 67 -14.16 15.84 46.39
N LEU C 68 -13.77 14.58 46.16
CA LEU C 68 -14.22 13.89 44.95
C LEU C 68 -15.73 13.69 44.96
N THR C 69 -16.31 13.42 46.13
CA THR C 69 -17.74 13.15 46.21
C THR C 69 -18.57 14.41 46.41
N LYS C 70 -18.12 15.34 47.26
CA LYS C 70 -18.88 16.54 47.60
C LYS C 70 -18.67 17.66 46.60
N THR C 71 -17.43 17.93 46.21
CA THR C 71 -17.16 19.07 45.33
C THR C 71 -17.55 18.77 43.88
N LEU C 72 -17.23 17.56 43.40
CA LEU C 72 -17.54 17.18 42.03
C LEU C 72 -18.90 16.50 41.89
N ASN C 73 -19.65 16.35 42.99
CA ASN C 73 -20.97 15.72 42.97
C ASN C 73 -20.91 14.31 42.37
N LEU C 74 -19.77 13.63 42.52
CA LEU C 74 -19.59 12.28 42.02
C LEU C 74 -20.11 11.28 43.04
N ASP C 75 -20.70 10.19 42.54
CA ASP C 75 -21.11 9.13 43.44
C ASP C 75 -19.89 8.40 43.98
N GLN C 76 -20.10 7.67 45.08
CA GLN C 76 -18.96 7.12 45.82
C GLN C 76 -18.21 6.05 45.02
N GLN C 77 -18.94 5.18 44.32
CA GLN C 77 -18.28 4.12 43.58
C GLN C 77 -17.38 4.69 42.49
N THR C 78 -17.89 5.66 41.72
CA THR C 78 -17.07 6.27 40.69
C THR C 78 -15.86 6.97 41.27
N ALA C 79 -16.03 7.63 42.42
CA ALA C 79 -14.91 8.29 43.08
C ALA C 79 -13.84 7.28 43.50
N ILE C 80 -14.27 6.15 44.06
CA ILE C 80 -13.30 5.14 44.48
C ILE C 80 -12.59 4.54 43.28
N GLU C 81 -13.31 4.35 42.17
CA GLU C 81 -12.67 3.81 40.99
C GLU C 81 -11.67 4.80 40.40
N ILE C 82 -12.00 6.08 40.42
CA ILE C 82 -11.04 7.10 39.98
C ILE C 82 -9.82 7.10 40.89
N MET C 83 -10.03 6.86 42.18
CA MET C 83 -8.92 6.84 43.12
C MET C 83 -8.00 5.65 42.89
N ARG C 84 -8.56 4.46 42.64
CA ARG C 84 -7.76 3.24 42.60
C ARG C 84 -7.34 2.81 41.19
N ASN C 85 -8.21 2.94 40.20
CA ASN C 85 -7.88 2.44 38.88
C ASN C 85 -6.81 3.32 38.21
N PRO C 86 -5.83 2.74 37.55
CA PRO C 86 -4.78 3.54 36.90
C PRO C 86 -5.27 4.20 35.62
N PHE C 87 -4.58 5.28 35.25
CA PHE C 87 -4.94 6.07 34.08
C PHE C 87 -3.96 5.83 32.94
N LYS C 88 -4.40 6.20 31.74
CA LYS C 88 -3.60 6.10 30.52
C LYS C 88 -3.67 7.43 29.79
N GLU C 89 -2.56 7.83 29.17
CA GLU C 89 -2.50 9.03 28.36
C GLU C 89 -2.29 8.63 26.91
N VAL C 90 -3.15 9.14 26.03
CA VAL C 90 -3.05 8.87 24.60
C VAL C 90 -2.91 10.18 23.84
N TYR C 91 -2.29 10.10 22.68
CA TYR C 91 -2.02 11.28 21.86
C TYR C 91 -2.87 11.25 20.61
N PHE C 92 -3.42 12.41 20.23
CA PHE C 92 -4.19 12.53 19.01
C PHE C 92 -3.99 13.91 18.41
N PRO C 93 -3.76 14.02 17.11
CA PRO C 93 -3.54 15.34 16.50
C PRO C 93 -4.83 15.97 16.00
N THR C 94 -4.85 17.30 16.04
CA THR C 94 -5.99 18.05 15.53
C THR C 94 -5.48 19.22 14.69
N TYR C 95 -6.01 19.32 13.48
CA TYR C 95 -5.69 20.37 12.52
C TYR C 95 -6.98 21.11 12.19
N ASN C 96 -7.00 22.41 12.46
CA ASN C 96 -8.11 23.27 12.08
C ASN C 96 -7.60 24.20 10.99
N ILE C 97 -8.28 24.19 9.84
CA ILE C 97 -7.83 25.03 8.72
C ILE C 97 -7.86 26.51 9.12
N GLU C 98 -8.94 26.94 9.79
CA GLU C 98 -8.97 28.30 10.29
C GLU C 98 -8.13 28.40 11.55
N ASN C 99 -7.30 29.44 11.63
CA ASN C 99 -6.31 29.59 12.69
C ASN C 99 -5.50 28.30 12.77
N PRO C 100 -4.67 28.01 11.76
CA PRO C 100 -3.94 26.72 11.75
C PRO C 100 -2.80 26.66 12.74
N GLU C 101 -2.33 27.79 13.26
CA GLU C 101 -1.21 27.76 14.22
C GLU C 101 -1.58 26.99 15.48
N GLU C 102 -2.84 27.01 15.88
CA GLU C 102 -3.34 26.34 17.08
C GLU C 102 -3.49 24.83 16.92
N SER C 103 -3.24 24.30 15.72
CA SER C 103 -3.36 22.88 15.43
C SER C 103 -2.16 22.12 16.00
N ARG C 104 -2.43 21.11 16.82
CA ARG C 104 -1.37 20.48 17.61
C ARG C 104 -1.75 19.05 17.97
N LEU C 105 -0.78 18.34 18.54
CA LEU C 105 -0.96 16.98 19.05
C LEU C 105 -1.38 17.04 20.51
N ASN C 106 -2.66 16.81 20.77
CA ASN C 106 -3.23 16.90 22.09
C ASN C 106 -3.16 15.56 22.82
N LYS C 107 -3.36 15.62 24.14
CA LYS C 107 -3.36 14.45 24.99
C LYS C 107 -4.74 14.22 25.58
N ALA C 108 -5.08 12.96 25.80
CA ALA C 108 -6.32 12.57 26.47
C ALA C 108 -5.96 11.62 27.60
N LEU C 109 -6.40 11.95 28.80
CA LEU C 109 -6.21 11.11 29.98
C LEU C 109 -7.49 10.32 30.23
N ILE C 110 -7.34 9.01 30.46
CA ILE C 110 -8.45 8.07 30.49
C ILE C 110 -8.32 7.18 31.72
N ILE C 111 -9.40 7.05 32.47
CA ILE C 111 -9.48 6.14 33.61
C ILE C 111 -10.66 5.20 33.38
N PRO C 112 -10.44 3.90 33.32
CA PRO C 112 -11.58 2.98 33.15
C PRO C 112 -12.46 2.98 34.38
N LEU C 113 -13.77 2.94 34.15
CA LEU C 113 -14.77 2.94 35.21
C LEU C 113 -15.71 1.75 35.02
N SER C 114 -16.64 1.59 35.96
CA SER C 114 -17.54 0.45 35.96
C SER C 114 -18.89 0.75 35.34
N ASN C 115 -19.59 1.79 35.82
CA ASN C 115 -20.97 2.00 35.42
C ASN C 115 -21.27 3.47 35.12
N GLN C 116 -20.26 4.24 34.71
CA GLN C 116 -20.48 5.64 34.34
C GLN C 116 -19.43 6.08 33.34
N THR C 117 -19.86 6.88 32.35
CA THR C 117 -18.95 7.51 31.39
C THR C 117 -19.25 9.00 31.39
N PHE C 118 -18.23 9.80 31.68
CA PHE C 118 -18.41 11.24 31.78
C PHE C 118 -17.08 11.92 31.52
N THR C 119 -17.15 13.24 31.36
CA THR C 119 -15.95 14.06 31.21
C THR C 119 -16.13 15.34 32.01
N LEU C 120 -15.01 15.95 32.35
CA LEU C 120 -15.01 17.23 33.04
C LEU C 120 -14.90 18.40 32.07
N ASN C 121 -14.76 18.13 30.77
CA ASN C 121 -14.67 19.17 29.76
C ASN C 121 -16.05 19.50 29.22
N THR C 122 -16.40 20.78 29.23
CA THR C 122 -17.74 21.21 28.83
C THR C 122 -17.94 21.23 27.33
N PHE C 123 -16.85 21.33 26.55
CA PHE C 123 -16.97 21.40 25.10
C PHE C 123 -17.10 20.04 24.43
N VAL C 124 -17.08 18.95 25.20
CA VAL C 124 -17.17 17.61 24.65
C VAL C 124 -18.62 17.16 24.64
N ASN C 125 -19.04 16.57 23.52
CA ASN C 125 -20.40 16.05 23.41
C ASN C 125 -20.48 14.70 24.10
N SER C 126 -21.49 14.53 24.96
CA SER C 126 -21.60 13.32 25.76
C SER C 126 -21.85 12.09 24.90
N GLN C 127 -22.66 12.25 23.84
CA GLN C 127 -22.96 11.11 22.98
C GLN C 127 -21.72 10.61 22.25
N ASP C 128 -20.76 11.50 21.96
CA ASP C 128 -19.52 11.06 21.35
C ASP C 128 -18.76 10.09 22.24
N LEU C 129 -18.79 10.33 23.55
CA LEU C 129 -18.16 9.41 24.50
C LEU C 129 -19.01 8.15 24.69
N GLU C 130 -20.34 8.30 24.66
CA GLU C 130 -21.20 7.13 24.77
C GLU C 130 -20.99 6.18 23.59
N THR C 131 -20.69 6.72 22.41
CA THR C 131 -20.39 5.87 21.27
C THR C 131 -19.15 5.01 21.55
N ILE C 132 -18.10 5.62 22.10
CA ILE C 132 -16.90 4.85 22.45
C ILE C 132 -17.22 3.80 23.50
N LYS C 133 -18.04 4.17 24.48
CA LYS C 133 -18.43 3.22 25.52
C LYS C 133 -19.15 2.01 24.93
N GLU C 134 -20.06 2.26 23.98
CA GLU C 134 -20.80 1.16 23.36
C GLU C 134 -19.89 0.32 22.47
N ALA C 135 -18.96 0.96 21.75
CA ALA C 135 -18.11 0.21 20.83
C ALA C 135 -17.10 -0.65 21.58
N THR C 136 -16.55 -0.14 22.69
CA THR C 136 -15.56 -0.86 23.46
C THR C 136 -16.15 -1.67 24.61
N ASN C 137 -17.45 -1.51 24.88
CA ASN C 137 -18.10 -2.18 26.01
C ASN C 137 -17.39 -1.87 27.33
N LYS C 138 -16.92 -0.64 27.47
CA LYS C 138 -16.18 -0.21 28.66
C LYS C 138 -16.55 1.22 29.00
N ASN C 139 -16.96 1.44 30.24
CA ASN C 139 -17.17 2.80 30.73
C ASN C 139 -15.83 3.44 31.09
N PHE C 140 -15.77 4.76 31.01
CA PHE C 140 -14.51 5.46 31.20
C PHE C 140 -14.75 6.91 31.55
N PHE C 141 -13.77 7.49 32.26
CA PHE C 141 -13.67 8.93 32.44
C PHE C 141 -12.53 9.43 31.57
N VAL C 142 -12.76 10.55 30.89
CA VAL C 142 -11.78 11.10 29.97
C VAL C 142 -11.68 12.60 30.18
N ILE C 143 -10.46 13.13 30.05
CA ILE C 143 -10.21 14.56 30.11
C ILE C 143 -9.17 14.90 29.07
N PHE C 144 -9.22 16.14 28.58
CA PHE C 144 -8.36 16.59 27.49
C PHE C 144 -7.52 17.76 27.93
N ASP C 145 -6.37 17.93 27.27
CA ASP C 145 -5.41 18.98 27.60
C ASP C 145 -5.49 20.16 26.64
N ASN C 146 -6.57 20.28 25.88
CA ASN C 146 -6.72 21.37 24.92
C ASN C 146 -8.17 21.43 24.47
N ILE C 147 -8.60 22.63 24.10
CA ILE C 147 -9.92 22.83 23.52
C ILE C 147 -9.79 22.65 22.01
N PHE C 148 -10.71 21.89 21.43
CA PHE C 148 -10.65 21.60 20.00
C PHE C 148 -12.05 21.32 19.50
N SER C 149 -12.17 21.21 18.18
CA SER C 149 -13.42 20.89 17.52
C SER C 149 -13.27 19.56 16.79
N GLY C 150 -14.38 18.83 16.67
CA GLY C 150 -14.40 17.55 16.02
C GLY C 150 -14.42 16.42 17.03
N LYS C 151 -14.47 15.21 16.51
CA LYS C 151 -14.50 14.00 17.32
C LYS C 151 -13.46 12.99 16.87
N SER C 152 -12.37 13.45 16.25
CA SER C 152 -11.30 12.57 15.80
C SER C 152 -10.55 11.89 16.94
N TYR C 153 -10.85 12.20 18.19
CA TYR C 153 -10.16 11.62 19.34
C TYR C 153 -10.66 10.22 19.69
N GLN C 154 -11.74 9.76 19.05
CA GLN C 154 -12.37 8.52 19.45
C GLN C 154 -11.44 7.32 19.31
N LEU C 155 -10.63 7.30 18.24
CA LEU C 155 -9.72 6.17 18.05
C LEU C 155 -8.65 6.14 19.13
N ALA C 156 -8.10 7.29 19.51
CA ALA C 156 -7.08 7.32 20.55
C ALA C 156 -7.65 6.89 21.90
N VAL C 157 -8.87 7.33 22.21
CA VAL C 157 -9.48 6.94 23.48
C VAL C 157 -9.79 5.45 23.49
N ALA C 158 -10.27 4.91 22.36
CA ALA C 158 -10.50 3.48 22.27
C ALA C 158 -9.19 2.71 22.44
N ALA C 159 -8.09 3.23 21.87
CA ALA C 159 -6.80 2.59 22.03
C ALA C 159 -6.35 2.59 23.48
N GLY C 160 -6.55 3.73 24.16
CA GLY C 160 -6.20 3.78 25.57
C GLY C 160 -7.03 2.85 26.42
N LEU C 161 -8.30 2.65 26.05
CA LEU C 161 -9.16 1.73 26.79
C LEU C 161 -8.85 0.27 26.50
N ILE C 162 -8.37 -0.04 25.30
CA ILE C 162 -8.16 -1.42 24.89
C ILE C 162 -6.79 -1.94 25.31
N ALA C 163 -5.76 -1.10 25.21
CA ALA C 163 -4.40 -1.55 25.47
C ALA C 163 -4.24 -2.04 26.90
N LYS C 164 -3.64 -3.22 27.04
CA LYS C 164 -3.37 -3.77 28.37
C LYS C 164 -2.12 -3.15 28.98
N GLU C 165 -1.11 -2.90 28.16
CA GLU C 165 0.12 -2.26 28.59
C GLU C 165 0.19 -0.85 28.04
N LYS C 166 0.67 0.08 28.85
CA LYS C 166 0.72 1.49 28.48
C LYS C 166 1.99 1.87 27.72
N GLU C 167 2.91 0.93 27.53
CA GLU C 167 4.17 1.25 26.86
C GLU C 167 3.95 1.56 25.38
N ILE C 168 3.12 0.77 24.70
CA ILE C 168 2.90 0.95 23.27
C ILE C 168 2.18 2.26 22.97
N LEU C 169 1.47 2.84 23.93
CA LEU C 169 0.78 4.10 23.74
C LEU C 169 1.70 5.31 23.90
N ASP C 170 2.96 5.11 24.27
CA ASP C 170 3.87 6.24 24.47
C ASP C 170 4.45 6.76 23.17
N ASN C 171 4.67 5.90 22.19
CA ASN C 171 5.30 6.29 20.93
C ASN C 171 4.32 6.37 19.77
N VAL C 172 3.05 6.06 19.99
CA VAL C 172 2.07 5.95 18.92
C VAL C 172 0.91 6.91 19.19
N ALA C 173 0.55 7.69 18.18
CA ALA C 173 -0.63 8.54 18.21
C ALA C 173 -1.69 8.01 17.26
N PHE C 174 -2.93 8.39 17.52
CA PHE C 174 -4.08 7.89 16.77
C PHE C 174 -4.99 9.03 16.37
N THR C 175 -5.62 8.87 15.21
CA THR C 175 -6.67 9.80 14.79
C THR C 175 -7.73 9.03 14.02
N GLY C 176 -8.97 9.44 14.19
CA GLY C 176 -10.10 8.78 13.55
C GLY C 176 -11.25 8.62 14.51
N GLU C 177 -12.44 8.47 13.95
CA GLU C 177 -13.66 8.28 14.73
C GLU C 177 -14.04 6.80 14.76
N VAL C 178 -14.95 6.46 15.66
CA VAL C 178 -15.34 5.08 15.91
C VAL C 178 -16.86 4.98 15.84
N SER C 179 -17.35 3.93 15.19
CA SER C 179 -18.78 3.66 15.08
C SER C 179 -19.25 2.78 16.24
N SER C 180 -20.57 2.61 16.34
CA SER C 180 -21.14 1.88 17.47
C SER C 180 -20.75 0.41 17.46
N ASN C 181 -20.58 -0.18 16.28
CA ASN C 181 -20.23 -1.59 16.17
C ASN C 181 -18.73 -1.81 16.09
N GLY C 182 -17.93 -0.80 16.41
CA GLY C 182 -16.49 -0.97 16.48
C GLY C 182 -15.77 -0.77 15.17
N PHE C 183 -16.35 0.02 14.27
CA PHE C 183 -15.73 0.30 12.98
C PHE C 183 -15.03 1.66 13.06
N ILE C 184 -13.81 1.73 12.56
CA ILE C 184 -13.07 2.98 12.47
C ILE C 184 -13.43 3.68 11.17
N ILE C 185 -13.79 4.96 11.26
CA ILE C 185 -14.29 5.70 10.10
C ILE C 185 -13.24 6.72 9.70
N PRO C 186 -13.02 6.92 8.40
CA PRO C 186 -11.95 7.83 7.96
C PRO C 186 -12.21 9.26 8.39
N VAL C 187 -11.13 10.00 8.57
CA VAL C 187 -11.17 11.40 8.96
C VAL C 187 -10.35 12.22 7.98
N ASN C 188 -10.46 13.53 8.10
CA ASN C 188 -9.84 14.45 7.16
C ASN C 188 -8.45 14.89 7.63
N HIS C 189 -7.73 15.54 6.71
CA HIS C 189 -6.44 16.18 6.99
C HIS C 189 -5.42 15.17 7.53
N LEU C 190 -5.29 14.05 6.84
CA LEU C 190 -4.33 13.03 7.29
C LEU C 190 -2.88 13.51 7.10
N GLU C 191 -2.62 14.29 6.06
CA GLU C 191 -1.24 14.70 5.79
C GLU C 191 -0.76 15.69 6.84
N GLU C 192 -1.58 16.68 7.18
CA GLU C 192 -1.20 17.67 8.19
C GLU C 192 -1.08 17.02 9.56
N LYS C 193 -1.99 16.10 9.88
CA LYS C 193 -1.90 15.37 11.14
C LYS C 193 -0.63 14.53 11.21
N LYS C 194 -0.26 13.89 10.09
CA LYS C 194 0.97 13.11 10.06
C LYS C 194 2.19 14.00 10.25
N GLU C 195 2.18 15.19 9.62
CA GLU C 195 3.29 16.12 9.82
C GLU C 195 3.39 16.55 11.28
N ILE C 196 2.25 16.88 11.89
CA ILE C 196 2.23 17.31 13.29
C ILE C 196 2.77 16.19 14.18
N THR C 197 2.31 14.97 13.96
CA THR C 197 2.73 13.85 14.81
C THR C 197 4.21 13.53 14.62
N GLU C 198 4.70 13.62 13.38
CA GLU C 198 6.11 13.33 13.15
C GLU C 198 7.00 14.43 13.71
N LYS C 199 6.50 15.66 13.82
CA LYS C 199 7.29 16.69 14.48
C LYS C 199 7.47 16.40 15.96
N ALA C 200 6.48 15.80 16.60
CA ALA C 200 6.56 15.42 18.01
C ALA C 200 7.27 14.09 18.23
N LYS C 201 7.96 13.57 17.22
CA LYS C 201 8.73 12.33 17.33
C LYS C 201 7.83 11.16 17.71
N LYS C 202 6.70 11.04 17.03
CA LYS C 202 5.78 9.93 17.22
C LYS C 202 5.21 9.52 15.87
N VAL C 203 4.70 8.29 15.80
CA VAL C 203 4.08 7.76 14.59
C VAL C 203 2.57 7.91 14.69
N LEU C 204 1.93 8.13 13.56
CA LEU C 204 0.49 8.35 13.50
C LEU C 204 -0.18 7.15 12.84
N ILE C 205 -1.25 6.67 13.46
CA ILE C 205 -2.05 5.58 12.93
C ILE C 205 -3.40 6.16 12.52
N THR C 206 -3.70 6.04 11.24
CA THR C 206 -4.89 6.60 10.62
C THR C 206 -5.92 5.51 10.37
N PRO C 207 -7.17 5.88 10.09
CA PRO C 207 -8.17 4.85 9.75
C PRO C 207 -7.81 4.05 8.52
N GLU C 208 -6.85 4.51 7.71
CA GLU C 208 -6.37 3.72 6.58
C GLU C 208 -5.40 2.64 7.02
N ASP C 209 -4.87 2.72 8.24
CA ASP C 209 -3.97 1.68 8.74
C ASP C 209 -4.73 0.51 9.33
N ILE C 210 -5.78 0.77 10.12
CA ILE C 210 -6.57 -0.27 10.75
C ILE C 210 -8.04 -0.04 10.42
N GLU C 211 -8.77 -1.14 10.20
CA GLU C 211 -10.15 -1.09 9.73
C GLU C 211 -11.16 -0.99 10.88
N ASN C 212 -10.99 -1.77 11.93
CA ASN C 212 -11.97 -1.86 13.00
C ASN C 212 -11.26 -2.03 14.34
N LEU C 213 -12.07 -2.10 15.40
CA LEU C 213 -11.52 -2.25 16.74
C LEU C 213 -10.84 -3.59 16.95
N GLU C 214 -11.25 -4.62 16.19
CA GLU C 214 -10.63 -5.93 16.33
C GLU C 214 -9.16 -5.91 15.93
N GLU C 215 -8.85 -5.27 14.80
CA GLU C 215 -7.46 -5.14 14.37
C GLU C 215 -6.66 -4.32 15.36
N LEU C 216 -7.24 -3.25 15.88
CA LEU C 216 -6.56 -2.44 16.87
C LEU C 216 -6.24 -3.26 18.13
N SER C 217 -7.20 -4.08 18.58
CA SER C 217 -6.96 -4.92 19.74
C SER C 217 -5.93 -6.00 19.43
N PHE C 218 -5.92 -6.49 18.18
CA PHE C 218 -4.89 -7.45 17.77
C PHE C 218 -3.51 -6.86 17.91
N TRP C 219 -3.35 -5.58 17.55
CA TRP C 219 -2.03 -4.96 17.62
C TRP C 219 -1.67 -4.49 19.04
N LEU C 220 -2.63 -3.94 19.78
CA LEU C 220 -2.30 -3.33 21.07
C LEU C 220 -1.92 -4.37 22.12
N ASN C 221 -2.82 -5.32 22.39
CA ASN C 221 -2.59 -6.36 23.40
C ASN C 221 -2.68 -7.72 22.71
N PRO C 222 -1.65 -8.12 21.97
CA PRO C 222 -1.70 -9.39 21.26
C PRO C 222 -1.43 -10.57 22.17
N GLU C 223 -2.12 -11.68 21.91
CA GLU C 223 -1.82 -12.92 22.59
C GLU C 223 -0.66 -13.65 21.92
N HIS C 224 -0.52 -13.50 20.59
CA HIS C 224 0.61 -14.06 19.85
C HIS C 224 0.97 -13.08 18.72
N LEU C 225 1.72 -12.04 19.06
CA LEU C 225 2.17 -11.06 18.07
C LEU C 225 3.19 -11.69 17.14
N PRO C 226 2.95 -11.73 15.83
CA PRO C 226 3.91 -12.38 14.93
C PRO C 226 4.98 -11.43 14.41
N VAL C 227 6.25 -11.77 14.66
CA VAL C 227 7.38 -11.07 14.08
C VAL C 227 8.05 -11.99 13.06
N ILE C 228 8.91 -11.42 12.22
CA ILE C 228 9.44 -12.10 11.05
C ILE C 228 10.96 -12.14 11.13
N PHE C 229 11.54 -13.30 10.81
CA PHE C 229 12.98 -13.43 10.59
C PHE C 229 13.22 -14.42 9.46
N ILE C 230 13.80 -13.93 8.37
CA ILE C 230 14.10 -14.73 7.19
C ILE C 230 15.54 -14.50 6.78
N HIS C 231 16.33 -15.56 6.76
CA HIS C 231 17.67 -15.52 6.21
C HIS C 231 17.60 -15.85 4.72
N ILE C 232 18.26 -15.04 3.91
CA ILE C 232 18.24 -15.21 2.46
C ILE C 232 19.65 -15.10 1.92
N ASN C 233 19.88 -15.77 0.79
CA ASN C 233 21.14 -15.70 0.08
C ASN C 233 21.11 -14.70 -1.07
N LYS C 234 19.94 -14.15 -1.37
CA LYS C 234 19.75 -13.21 -2.46
C LYS C 234 19.39 -11.84 -1.90
N PRO C 235 20.29 -10.86 -1.92
CA PRO C 235 19.96 -9.57 -1.28
C PRO C 235 18.90 -8.79 -2.03
N GLU C 236 18.92 -8.79 -3.36
CA GLU C 236 17.98 -8.00 -4.14
C GLU C 236 16.54 -8.49 -4.01
N LEU C 237 16.32 -9.64 -3.39
CA LEU C 237 14.99 -10.15 -3.09
C LEU C 237 14.67 -10.02 -1.61
N ALA C 238 15.26 -9.04 -0.94
CA ALA C 238 14.98 -8.86 0.48
C ALA C 238 13.53 -8.46 0.69
N LEU C 239 13.16 -7.27 0.24
CA LEU C 239 11.82 -6.75 0.52
C LEU C 239 10.76 -7.70 -0.01
N GLN C 240 10.93 -8.19 -1.23
CA GLN C 240 9.96 -9.13 -1.81
C GLN C 240 9.77 -10.32 -0.88
N SER C 241 10.87 -10.91 -0.41
CA SER C 241 10.76 -12.07 0.47
C SER C 241 9.97 -11.69 1.72
N LEU C 242 10.24 -10.52 2.30
CA LEU C 242 9.48 -10.08 3.46
C LEU C 242 7.99 -10.08 3.13
N LYS C 243 7.63 -9.46 2.01
CA LYS C 243 6.22 -9.43 1.63
C LYS C 243 5.69 -10.83 1.47
N GLN C 244 6.47 -11.73 0.86
CA GLN C 244 6.04 -13.10 0.73
C GLN C 244 5.75 -13.70 2.10
N MET C 245 6.68 -13.51 3.05
CA MET C 245 6.44 -14.00 4.39
C MET C 245 5.18 -13.40 4.96
N GLU C 246 4.96 -12.10 4.73
CA GLU C 246 3.74 -11.47 5.20
C GLU C 246 2.52 -12.20 4.65
N ASP C 247 2.52 -12.48 3.34
CA ASP C 247 1.42 -13.23 2.76
C ASP C 247 1.27 -14.58 3.43
N ALA C 248 2.39 -15.28 3.65
CA ALA C 248 2.33 -16.58 4.31
C ALA C 248 1.75 -16.47 5.70
N ILE C 249 1.99 -15.34 6.38
CA ILE C 249 1.42 -15.15 7.71
C ILE C 249 -0.07 -14.84 7.59
N LYS C 250 -0.47 -14.10 6.55
CA LYS C 250 -1.87 -13.74 6.38
C LYS C 250 -2.75 -14.95 6.08
N LYS C 251 -2.16 -16.03 5.53
CA LYS C 251 -2.91 -17.24 5.25
C LYS C 251 -3.37 -17.94 6.51
N ASP C 252 -2.74 -17.66 7.65
CA ASP C 252 -3.17 -18.25 8.92
C ASP C 252 -4.35 -17.48 9.50
N GLU C 253 -5.33 -18.23 10.02
CA GLU C 253 -6.52 -17.60 10.56
C GLU C 253 -6.23 -16.77 11.79
N ARG C 254 -5.27 -17.19 12.62
CA ARG C 254 -4.96 -16.44 13.83
C ARG C 254 -4.30 -15.10 13.55
N PHE C 255 -3.74 -14.94 12.35
CA PHE C 255 -3.01 -13.73 11.98
C PHE C 255 -3.61 -13.08 10.75
N LYS C 256 -4.93 -13.14 10.63
CA LYS C 256 -5.59 -12.56 9.46
C LYS C 256 -5.51 -11.04 9.45
N TYR C 257 -5.31 -10.41 10.61
CA TYR C 257 -5.17 -8.96 10.70
C TYR C 257 -3.74 -8.49 10.56
N PHE C 258 -2.80 -9.39 10.30
CA PHE C 258 -1.39 -9.02 10.28
C PHE C 258 -1.06 -8.20 9.04
N LYS C 259 -0.31 -7.12 9.25
CA LYS C 259 0.20 -6.29 8.17
C LYS C 259 1.62 -5.88 8.53
N LEU C 260 2.54 -6.00 7.56
CA LEU C 260 3.93 -5.70 7.84
C LEU C 260 4.12 -4.25 8.27
N GLU C 261 3.49 -3.33 7.55
CA GLU C 261 3.61 -1.92 7.89
C GLU C 261 3.01 -1.62 9.26
N ASN C 262 1.93 -2.33 9.63
CA ASN C 262 1.35 -2.10 10.94
C ASN C 262 2.28 -2.58 12.05
N LEU C 263 2.96 -3.71 11.83
CA LEU C 263 3.96 -4.16 12.80
C LEU C 263 5.09 -3.15 12.93
N LYS C 264 5.59 -2.66 11.79
CA LYS C 264 6.68 -1.68 11.80
C LYS C 264 6.26 -0.40 12.52
N LYS C 265 5.01 0.03 12.34
CA LYS C 265 4.54 1.25 12.98
C LYS C 265 4.33 1.05 14.47
N PHE C 266 3.61 -0.01 14.84
CA PHE C 266 3.27 -0.22 16.25
C PHE C 266 4.51 -0.48 17.10
N TYR C 267 5.45 -1.29 16.61
CA TYR C 267 6.56 -1.74 17.43
C TYR C 267 7.91 -1.20 16.98
N ARG C 268 7.90 -0.14 16.16
CA ARG C 268 9.10 0.63 15.81
C ARG C 268 10.20 -0.27 15.26
N LEU C 269 9.88 -0.98 14.18
CA LEU C 269 10.80 -1.86 13.50
C LEU C 269 11.04 -1.38 12.07
N GLU C 270 12.21 -1.71 11.53
CA GLU C 270 12.56 -1.44 10.15
C GLU C 270 12.63 -2.75 9.39
N ASP C 271 12.77 -2.66 8.07
CA ASP C 271 12.89 -3.85 7.24
C ASP C 271 14.12 -4.66 7.61
N GLN C 272 15.26 -3.98 7.77
CA GLN C 272 16.52 -4.65 8.06
C GLN C 272 16.46 -5.46 9.36
N ASP C 273 15.56 -5.12 10.27
CA ASP C 273 15.44 -5.86 11.53
C ASP C 273 14.82 -7.24 11.35
N MET C 274 14.33 -7.57 10.14
CA MET C 274 13.57 -8.80 9.95
C MET C 274 14.20 -9.75 8.94
N TYR C 275 15.40 -9.46 8.45
CA TYR C 275 16.08 -10.40 7.55
C TYR C 275 17.59 -10.28 7.74
N LEU C 276 18.29 -11.30 7.26
CA LEU C 276 19.74 -11.39 7.37
C LEU C 276 20.33 -11.79 6.03
N ILE C 277 21.38 -11.09 5.60
CA ILE C 277 22.03 -11.32 4.32
C ILE C 277 23.44 -11.84 4.57
N THR C 278 23.79 -12.92 3.88
CA THR C 278 25.16 -13.44 3.86
C THR C 278 25.64 -13.44 2.41
N PRO C 279 26.44 -12.45 2.01
CA PRO C 279 26.78 -12.35 0.57
C PRO C 279 27.63 -13.52 0.07
N SER C 280 28.72 -13.84 0.74
CA SER C 280 29.58 -14.96 0.36
C SER C 280 30.05 -15.62 1.64
N VAL C 281 29.49 -16.79 1.94
CA VAL C 281 29.77 -17.48 3.20
C VAL C 281 30.77 -18.59 2.95
N ASP C 282 31.80 -18.65 3.77
CA ASP C 282 32.79 -19.73 3.75
C ASP C 282 32.60 -20.52 5.04
N PHE C 283 32.05 -21.73 4.93
CA PHE C 283 31.75 -22.53 6.11
C PHE C 283 32.99 -23.17 6.73
N SER C 284 34.17 -22.92 6.18
CA SER C 284 35.42 -23.31 6.82
C SER C 284 36.08 -22.14 7.53
N ASN C 285 35.50 -20.95 7.43
CA ASN C 285 36.03 -19.75 8.07
C ASN C 285 35.30 -19.54 9.40
N ARG C 286 36.04 -19.64 10.50
CA ARG C 286 35.41 -19.56 11.81
C ARG C 286 34.93 -18.15 12.13
N GLU C 287 35.72 -17.13 11.76
CA GLU C 287 35.38 -15.77 12.15
C GLU C 287 34.11 -15.28 11.45
N GLU C 288 33.96 -15.60 10.16
CA GLU C 288 32.76 -15.18 9.44
C GLU C 288 31.52 -15.84 10.03
N LEU C 289 31.60 -17.13 10.34
CA LEU C 289 30.47 -17.82 10.96
C LEU C 289 30.16 -17.25 12.34
N ILE C 290 31.19 -16.89 13.10
CA ILE C 290 30.97 -16.25 14.41
C ILE C 290 30.23 -14.94 14.24
N LYS C 291 30.66 -14.13 13.26
CA LYS C 291 30.01 -12.85 13.02
C LYS C 291 28.55 -13.04 12.61
N ILE C 292 28.29 -13.99 11.71
CA ILE C 292 26.93 -14.23 11.25
C ILE C 292 26.04 -14.73 12.40
N LEU C 293 26.57 -15.62 13.24
CA LEU C 293 25.78 -16.16 14.34
C LEU C 293 25.49 -15.08 15.39
N ASN C 294 26.45 -14.19 15.63
CA ASN C 294 26.21 -13.09 16.55
C ASN C 294 25.19 -12.10 15.99
N GLU C 295 25.23 -11.86 14.68
CA GLU C 295 24.21 -11.02 14.05
C GLU C 295 22.83 -11.65 14.21
N PHE C 296 22.73 -12.96 14.00
CA PHE C 296 21.48 -13.67 14.23
C PHE C 296 21.01 -13.50 15.66
N ARG C 297 21.91 -13.68 16.62
CA ARG C 297 21.57 -13.51 18.03
C ARG C 297 21.01 -12.11 18.29
N GLU C 298 21.71 -11.08 17.80
CA GLU C 298 21.30 -9.70 18.04
C GLU C 298 19.92 -9.44 17.44
N LYS C 299 19.71 -9.84 16.19
CA LYS C 299 18.44 -9.55 15.53
C LYS C 299 17.28 -10.30 16.19
N VAL C 300 17.49 -11.56 16.57
CA VAL C 300 16.42 -12.32 17.20
C VAL C 300 16.10 -11.73 18.57
N SER C 301 17.12 -11.31 19.32
CA SER C 301 16.88 -10.71 20.63
C SER C 301 16.11 -9.40 20.49
N LYS C 302 16.43 -8.60 19.47
CA LYS C 302 15.68 -7.37 19.24
C LYS C 302 14.23 -7.68 18.87
N LEU C 303 14.02 -8.67 18.01
CA LEU C 303 12.66 -9.03 17.60
C LEU C 303 11.86 -9.58 18.77
N LEU C 304 12.52 -10.20 19.75
CA LEU C 304 11.80 -10.78 20.89
C LEU C 304 11.62 -9.80 22.04
N THR C 305 12.42 -8.75 22.12
CA THR C 305 12.24 -7.77 23.19
C THR C 305 11.37 -6.59 22.75
N LEU C 306 11.60 -6.06 21.55
CA LEU C 306 10.81 -4.97 20.96
C LEU C 306 10.83 -3.72 21.85
N GLU C 307 12.03 -3.36 22.31
CA GLU C 307 12.26 -2.13 23.08
C GLU C 307 11.39 -2.08 24.35
N GLY C 308 11.21 -3.23 25.00
CA GLY C 308 10.50 -3.28 26.26
C GLY C 308 9.00 -3.18 26.18
N VAL C 309 8.43 -3.01 24.99
CA VAL C 309 6.96 -2.95 24.88
C VAL C 309 6.34 -4.28 25.24
N ILE C 310 6.99 -5.37 24.86
CA ILE C 310 6.51 -6.72 25.16
C ILE C 310 7.05 -7.14 26.52
N LYS C 311 6.15 -7.62 27.38
CA LYS C 311 6.55 -8.08 28.71
C LYS C 311 6.84 -9.57 28.75
N ASP C 312 5.96 -10.38 28.18
CA ASP C 312 6.10 -11.83 28.14
C ASP C 312 6.69 -12.22 26.79
N HIS C 313 7.88 -12.82 26.82
CA HIS C 313 8.53 -13.21 25.58
C HIS C 313 7.76 -14.30 24.84
N ASN C 314 6.98 -15.10 25.56
CA ASN C 314 6.17 -16.13 24.92
C ASN C 314 4.96 -15.57 24.20
N LYS C 315 4.63 -14.30 24.40
CA LYS C 315 3.54 -13.66 23.67
C LYS C 315 3.98 -13.17 22.28
N VAL C 316 5.17 -13.54 21.84
CA VAL C 316 5.68 -13.18 20.52
C VAL C 316 6.00 -14.46 19.78
N VAL C 317 5.51 -14.56 18.53
CA VAL C 317 5.71 -15.74 17.69
C VAL C 317 6.69 -15.35 16.59
N LEU C 318 7.82 -16.05 16.55
CA LEU C 318 8.87 -15.79 15.57
C LEU C 318 8.62 -16.65 14.33
N ASN C 319 8.20 -16.01 13.24
CA ASN C 319 8.05 -16.69 11.96
C ASN C 319 9.41 -16.71 11.28
N ILE C 320 10.04 -17.88 11.24
CA ILE C 320 11.45 -18.00 10.90
C ILE C 320 11.61 -18.87 9.65
N SER C 321 12.53 -18.45 8.79
CA SER C 321 12.95 -19.24 7.64
C SER C 321 14.40 -18.92 7.33
N ALA C 322 15.05 -19.82 6.59
CA ALA C 322 16.46 -19.68 6.25
C ALA C 322 16.67 -20.06 4.79
N GLY C 323 17.91 -19.92 4.32
CA GLY C 323 18.23 -20.22 2.94
C GLY C 323 19.37 -21.22 2.76
N ILE C 324 20.05 -21.56 3.85
CA ILE C 324 21.12 -22.55 3.84
C ILE C 324 20.89 -23.50 5.01
N SER C 325 20.90 -24.81 4.72
CA SER C 325 20.58 -25.80 5.74
C SER C 325 21.66 -25.86 6.82
N THR C 326 22.93 -25.83 6.42
CA THR C 326 24.01 -25.88 7.41
C THR C 326 23.95 -24.71 8.36
N LEU C 327 23.70 -23.50 7.84
CA LEU C 327 23.54 -22.33 8.70
C LEU C 327 22.25 -22.41 9.52
N ALA C 328 21.20 -22.98 8.95
CA ALA C 328 19.94 -23.12 9.66
C ALA C 328 20.08 -24.05 10.86
N LEU C 329 20.97 -25.04 10.76
CA LEU C 329 21.22 -25.92 11.90
C LEU C 329 21.71 -25.13 13.10
N TYR C 330 22.72 -24.27 12.88
CA TYR C 330 23.24 -23.45 13.98
C TYR C 330 22.23 -22.40 14.42
N PHE C 331 21.45 -21.86 13.48
CA PHE C 331 20.36 -20.96 13.84
C PHE C 331 19.42 -21.63 14.83
N GLY C 332 19.04 -22.87 14.56
CA GLY C 332 18.15 -23.59 15.46
C GLY C 332 18.82 -23.92 16.79
N VAL C 333 20.11 -24.30 16.74
CA VAL C 333 20.83 -24.58 17.98
C VAL C 333 20.85 -23.37 18.89
N ILE C 334 21.06 -22.18 18.31
CA ILE C 334 21.11 -20.96 19.11
C ILE C 334 19.70 -20.56 19.55
N LEU C 335 18.70 -20.78 18.71
CA LEU C 335 17.35 -20.32 19.03
C LEU C 335 16.77 -21.05 20.23
N GLY C 336 17.07 -22.34 20.38
CA GLY C 336 16.55 -23.10 21.48
C GLY C 336 15.17 -23.66 21.21
N ASN C 337 14.56 -24.20 22.27
CA ASN C 337 13.26 -24.83 22.18
C ASN C 337 12.29 -24.26 23.22
N ARG C 338 12.44 -22.98 23.55
CA ARG C 338 11.55 -22.30 24.49
C ARG C 338 10.72 -21.19 23.86
N GLN C 339 11.16 -20.62 22.75
CA GLN C 339 10.46 -19.50 22.13
C GLN C 339 9.37 -20.01 21.19
N ALA C 340 8.16 -19.48 21.34
CA ALA C 340 7.08 -19.80 20.42
C ALA C 340 7.42 -19.31 19.02
N SER C 341 7.27 -20.17 18.03
CA SER C 341 7.75 -19.82 16.69
C SER C 341 6.99 -20.65 15.65
N ILE C 342 7.27 -20.34 14.38
CA ILE C 342 6.74 -21.09 13.25
C ILE C 342 7.83 -21.15 12.19
N ILE C 343 8.29 -22.36 11.88
CA ILE C 343 9.33 -22.57 10.88
C ILE C 343 8.66 -22.80 9.53
N TYR C 344 9.10 -22.05 8.52
CA TYR C 344 8.56 -22.13 7.17
C TYR C 344 9.56 -22.76 6.22
N HIS C 345 9.06 -23.28 5.11
CA HIS C 345 9.85 -23.87 4.04
C HIS C 345 9.54 -23.13 2.76
N TYR C 346 10.58 -22.65 2.07
CA TYR C 346 10.41 -21.86 0.87
C TYR C 346 10.35 -22.78 -0.35
N GLN C 347 9.19 -22.86 -0.97
CA GLN C 347 8.97 -23.51 -2.25
C GLN C 347 8.18 -22.58 -3.17
N LYS C 348 8.60 -21.32 -3.19
CA LYS C 348 8.03 -20.17 -3.92
C LYS C 348 6.81 -19.61 -3.20
N GLU C 349 6.42 -20.18 -2.05
CA GLU C 349 5.26 -19.66 -1.33
C GLU C 349 5.45 -19.57 0.18
N TYR C 350 6.61 -19.97 0.72
CA TYR C 350 6.87 -19.92 2.16
C TYR C 350 5.81 -20.71 2.94
N HIS C 351 5.63 -21.98 2.58
CA HIS C 351 4.62 -22.81 3.22
C HIS C 351 4.99 -23.08 4.67
N LYS C 352 3.99 -22.95 5.56
CA LYS C 352 4.20 -23.29 6.95
C LYS C 352 4.37 -24.80 7.09
N VAL C 353 5.42 -25.21 7.79
CA VAL C 353 5.71 -26.63 7.92
C VAL C 353 5.84 -27.05 9.38
N ILE C 354 6.25 -26.13 10.26
CA ILE C 354 6.41 -26.48 11.67
C ILE C 354 5.83 -25.38 12.53
N ASP C 355 5.00 -25.75 13.51
CA ASP C 355 4.30 -24.80 14.37
C ASP C 355 4.64 -25.14 15.82
N LEU C 356 5.35 -24.22 16.49
CA LEU C 356 5.72 -24.34 17.89
C LEU C 356 5.27 -23.10 18.64
N THR C 357 4.01 -22.71 18.44
CA THR C 357 3.46 -21.55 19.13
C THR C 357 2.98 -21.91 20.54
N ASP C 358 2.13 -22.93 20.64
CA ASP C 358 1.56 -23.29 21.94
C ASP C 358 2.60 -23.96 22.82
N ASN C 359 3.18 -25.06 22.33
CA ASN C 359 4.20 -25.80 23.07
C ASN C 359 5.47 -25.82 22.24
N PRO C 360 6.45 -24.96 22.55
CA PRO C 360 7.67 -24.91 21.73
C PRO C 360 8.62 -26.06 22.02
N ARG C 361 8.59 -26.56 23.24
CA ARG C 361 9.53 -27.59 23.70
C ARG C 361 9.10 -29.00 23.33
N LYS C 362 8.14 -29.17 22.42
CA LYS C 362 7.65 -30.49 22.06
C LYS C 362 8.42 -31.11 20.90
N ILE C 363 9.62 -30.60 20.61
CA ILE C 363 10.54 -31.23 19.69
C ILE C 363 11.53 -32.02 20.55
N LYS C 364 11.76 -31.51 21.77
CA LYS C 364 12.62 -32.21 22.73
C LYS C 364 12.02 -33.54 23.16
N GLU C 365 10.71 -33.71 23.02
CA GLU C 365 10.06 -34.96 23.37
C GLU C 365 10.47 -36.08 22.42
N LYS C 366 10.61 -37.28 22.94
CA LYS C 366 10.98 -38.40 22.10
C LYS C 366 9.75 -39.21 21.71
N LYS C 367 9.92 -40.07 20.70
CA LYS C 367 8.86 -40.93 20.19
C LYS C 367 9.31 -42.38 20.35
N SER C 368 8.37 -43.25 20.73
CA SER C 368 8.70 -44.65 20.95
C SER C 368 8.69 -45.47 19.66
N GLU C 369 7.95 -45.03 18.65
CA GLU C 369 7.85 -45.76 17.39
C GLU C 369 8.18 -44.82 16.23
N PHE C 370 9.10 -45.25 15.38
CA PHE C 370 9.45 -44.46 14.19
C PHE C 370 8.46 -44.76 13.08
N GLU C 371 7.84 -43.71 12.55
CA GLU C 371 6.82 -43.84 11.51
C GLU C 371 7.16 -43.12 10.23
N LYS C 372 8.13 -42.20 10.24
CA LYS C 372 8.50 -41.45 9.05
C LYS C 372 9.94 -41.67 8.62
N ILE C 373 10.79 -42.25 9.46
CA ILE C 373 12.20 -42.42 9.13
C ILE C 373 12.57 -43.89 9.21
N SER C 374 13.58 -44.25 8.41
CA SER C 374 14.23 -45.55 8.42
C SER C 374 15.69 -45.35 8.76
N VAL C 375 16.21 -46.19 9.65
CA VAL C 375 17.56 -46.04 10.19
C VAL C 375 18.37 -47.29 9.84
N ASN C 376 19.60 -47.06 9.38
CA ASN C 376 20.59 -48.11 9.14
C ASN C 376 21.75 -47.77 10.07
N LYS C 377 21.82 -48.46 11.20
CA LYS C 377 22.76 -48.13 12.25
C LYS C 377 23.90 -49.14 12.31
N ASN C 378 25.05 -48.65 12.77
CA ASN C 378 26.24 -49.45 13.05
C ASN C 378 27.02 -48.65 14.11
N ILE C 379 26.73 -48.95 15.36
CA ILE C 379 27.15 -48.16 16.51
C ILE C 379 28.62 -48.44 16.80
N GLN C 380 29.48 -47.44 16.59
CA GLN C 380 30.87 -47.48 17.00
C GLN C 380 31.18 -46.16 17.68
N ASP C 381 32.42 -46.01 18.18
CA ASP C 381 32.75 -44.82 18.95
C ASP C 381 32.75 -43.56 18.08
N PRO C 382 33.46 -43.52 16.93
CA PRO C 382 33.30 -42.35 16.05
C PRO C 382 32.19 -42.55 15.02
N LEU C 383 31.05 -41.90 15.25
CA LEU C 383 29.87 -42.08 14.40
C LEU C 383 29.89 -41.11 13.22
N MET C 384 29.56 -41.64 12.05
CA MET C 384 29.34 -40.82 10.87
C MET C 384 27.83 -40.80 10.63
N ILE C 385 27.21 -39.65 10.90
CA ILE C 385 25.76 -39.51 10.81
C ILE C 385 25.43 -38.92 9.45
N ILE C 386 24.55 -39.60 8.72
CA ILE C 386 24.13 -39.16 7.39
C ILE C 386 22.62 -39.03 7.41
N ILE C 387 22.10 -37.89 6.94
CA ILE C 387 20.67 -37.64 6.85
C ILE C 387 20.35 -37.42 5.37
N TYR C 388 19.44 -38.24 4.84
CA TYR C 388 19.06 -38.21 3.43
C TYR C 388 17.57 -37.92 3.35
N LEU C 389 17.22 -36.66 3.06
CA LEU C 389 15.83 -36.25 2.95
C LEU C 389 15.64 -35.21 1.83
N ALA C 390 16.46 -35.30 0.78
CA ALA C 390 16.39 -34.35 -0.33
C ALA C 390 16.62 -35.09 -1.63
N SER C 391 16.66 -34.34 -2.73
CA SER C 391 16.90 -34.94 -4.04
C SER C 391 18.31 -35.48 -4.15
N HIS C 392 19.31 -34.69 -3.73
CA HIS C 392 20.68 -35.13 -3.79
C HIS C 392 20.94 -36.21 -2.73
N ASN C 393 21.63 -37.28 -3.14
CA ASN C 393 21.91 -38.40 -2.25
C ASN C 393 23.31 -38.30 -1.69
N PRO C 394 23.49 -38.05 -0.40
CA PRO C 394 24.85 -37.93 0.17
C PRO C 394 25.40 -39.21 0.79
N ILE C 395 24.79 -40.37 0.55
CA ILE C 395 25.23 -41.58 1.24
C ILE C 395 26.58 -42.05 0.73
N GLU C 396 26.80 -42.01 -0.58
CA GLU C 396 28.05 -42.48 -1.14
C GLU C 396 29.21 -41.60 -0.70
N LYS C 397 29.11 -40.29 -0.94
CA LYS C 397 30.12 -39.36 -0.46
C LYS C 397 30.21 -39.36 1.06
N GLY C 398 29.08 -39.64 1.73
CA GLY C 398 29.11 -39.72 3.19
C GLY C 398 29.98 -40.85 3.68
N LEU C 399 29.85 -42.03 3.07
CA LEU C 399 30.69 -43.16 3.45
C LEU C 399 32.14 -42.94 3.03
N GLU C 400 32.37 -42.29 1.90
CA GLU C 400 33.73 -41.93 1.52
C GLU C 400 34.38 -41.02 2.56
N LEU C 401 33.61 -40.06 3.07
CA LEU C 401 34.10 -39.20 4.15
C LEU C 401 34.32 -40.00 5.43
N LYS C 402 33.41 -40.94 5.73
CA LYS C 402 33.56 -41.78 6.90
C LYS C 402 34.88 -42.53 6.88
N GLU C 403 35.22 -43.11 5.72
CA GLU C 403 36.46 -43.86 5.59
C GLU C 403 37.68 -42.97 5.42
N LYS C 404 37.51 -41.73 4.96
CA LYS C 404 38.67 -40.86 4.72
C LYS C 404 39.28 -40.36 6.03
N LEU C 405 38.45 -39.98 7.00
CA LEU C 405 38.95 -39.47 8.27
C LEU C 405 39.07 -40.54 9.35
N ARG C 406 38.90 -41.82 8.99
CA ARG C 406 39.02 -42.94 9.93
C ARG C 406 37.92 -42.91 10.99
N ALA C 407 36.67 -42.75 10.55
CA ALA C 407 35.51 -42.89 11.41
C ALA C 407 34.98 -44.31 11.34
N LYS C 408 34.86 -44.97 12.49
CA LYS C 408 34.43 -46.36 12.51
C LYS C 408 32.93 -46.51 12.29
N GLY C 409 32.12 -45.80 13.07
CA GLY C 409 30.69 -46.00 13.06
C GLY C 409 29.98 -45.38 11.88
N GLU C 410 28.72 -45.77 11.72
CA GLU C 410 27.90 -45.19 10.65
C GLU C 410 26.44 -45.23 11.09
N LEU C 411 25.71 -44.17 10.76
CA LEU C 411 24.30 -44.10 11.13
C LEU C 411 23.58 -43.31 10.04
N ILE C 412 22.95 -44.04 9.12
CA ILE C 412 22.21 -43.43 8.03
C ILE C 412 20.74 -43.32 8.44
N ILE C 413 20.15 -42.15 8.20
CA ILE C 413 18.75 -41.88 8.50
C ILE C 413 18.14 -41.32 7.23
N GLN C 414 17.01 -41.89 6.82
CA GLN C 414 16.35 -41.42 5.60
C GLN C 414 14.86 -41.63 5.74
N SER C 415 14.12 -41.19 4.74
CA SER C 415 12.67 -41.36 4.74
C SER C 415 12.29 -42.79 4.39
N LYS C 416 11.07 -43.16 4.72
CA LYS C 416 10.53 -44.50 4.43
C LYS C 416 9.76 -44.42 3.13
N GLU C 417 10.33 -44.98 2.06
CA GLU C 417 9.68 -45.11 0.75
C GLU C 417 9.12 -43.76 0.28
N HIS C 418 9.86 -42.69 0.56
CA HIS C 418 9.48 -41.35 0.14
C HIS C 418 10.28 -40.86 -1.07
N GLN C 419 11.08 -41.75 -1.68
CA GLN C 419 11.87 -41.49 -2.89
C GLN C 419 12.58 -40.14 -2.81
N GLY C 420 13.40 -39.99 -1.77
CA GLY C 420 14.21 -38.81 -1.58
C GLY C 420 13.43 -37.60 -1.10
N ASN C 421 13.11 -36.69 -2.01
CA ASN C 421 12.41 -35.47 -1.64
C ASN C 421 11.03 -35.78 -1.07
N LEU C 422 10.67 -35.09 0.00
CA LEU C 422 9.41 -35.29 0.71
C LEU C 422 8.39 -34.24 0.28
N GLU C 423 7.12 -34.60 0.43
CA GLU C 423 6.06 -33.66 0.09
C GLU C 423 5.86 -32.68 1.23
N ILE C 424 5.27 -31.53 0.90
CA ILE C 424 5.04 -30.49 1.90
C ILE C 424 4.00 -30.94 2.90
N GLY C 425 4.22 -30.61 4.17
CA GLY C 425 3.31 -31.02 5.22
C GLY C 425 3.93 -30.77 6.58
N ASP C 426 3.23 -31.26 7.61
CA ASP C 426 3.74 -31.16 8.97
C ASP C 426 4.98 -32.03 9.13
N TRP C 427 6.10 -31.39 9.50
CA TRP C 427 7.39 -32.07 9.59
C TRP C 427 7.88 -32.18 11.03
N SER C 428 7.02 -31.90 12.02
CA SER C 428 7.46 -31.97 13.41
C SER C 428 7.79 -33.40 13.82
N ASP C 429 7.01 -34.37 13.33
CA ASP C 429 7.26 -35.76 13.71
C ASP C 429 8.57 -36.26 13.11
N ILE C 430 8.89 -35.84 11.89
CA ILE C 430 10.15 -36.25 11.26
C ILE C 430 11.34 -35.73 12.06
N VAL C 431 11.27 -34.45 12.45
CA VAL C 431 12.36 -33.87 13.23
C VAL C 431 12.46 -34.53 14.59
N SER C 432 11.32 -34.80 15.23
CA SER C 432 11.35 -35.47 16.53
C SER C 432 11.97 -36.86 16.41
N GLU C 433 11.65 -37.59 15.34
CA GLU C 433 12.20 -38.92 15.16
C GLU C 433 13.69 -38.87 14.87
N ILE C 434 14.14 -37.90 14.08
CA ILE C 434 15.57 -37.75 13.82
C ILE C 434 16.30 -37.43 15.12
N TYR C 435 15.72 -36.55 15.94
CA TYR C 435 16.33 -36.23 17.22
C TYR C 435 16.38 -37.44 18.14
N THR C 436 15.33 -38.26 18.13
CA THR C 436 15.35 -39.49 18.93
C THR C 436 16.47 -40.41 18.49
N ALA C 437 16.57 -40.64 17.18
CA ALA C 437 17.61 -41.54 16.66
C ALA C 437 19.01 -41.02 16.99
N ILE C 438 19.22 -39.71 16.88
CA ILE C 438 20.54 -39.15 17.14
C ILE C 438 20.87 -39.19 18.63
N ASP C 439 19.88 -38.89 19.48
CA ASP C 439 20.12 -38.82 20.92
C ASP C 439 20.26 -40.20 21.54
N ASP C 440 19.55 -41.20 21.01
CA ASP C 440 19.61 -42.54 21.56
C ASP C 440 20.87 -43.29 21.15
N ASN C 441 21.54 -42.87 20.08
CA ASN C 441 22.76 -43.52 19.64
C ASN C 441 23.97 -42.59 19.67
N LYS C 442 23.89 -41.49 20.41
CA LYS C 442 25.01 -40.55 20.47
C LYS C 442 26.21 -41.19 21.16
N GLN C 443 27.41 -40.80 20.72
CA GLN C 443 28.66 -41.33 21.27
C GLN C 443 29.60 -40.22 21.71
N LYS C 444 30.83 -40.59 22.07
CA LYS C 444 31.79 -39.62 22.58
C LYS C 444 32.20 -38.62 21.50
N GLU C 445 32.35 -39.10 20.26
CA GLU C 445 32.74 -38.26 19.14
C GLU C 445 31.94 -38.68 17.91
N ASN C 446 31.28 -37.70 17.27
CA ASN C 446 30.43 -38.00 16.14
C ASN C 446 30.61 -36.92 15.07
N TYR C 447 30.43 -37.33 13.82
CA TYR C 447 30.47 -36.43 12.68
C TYR C 447 29.15 -36.55 11.95
N MET C 448 28.69 -35.45 11.35
CA MET C 448 27.37 -35.46 10.74
C MET C 448 27.38 -34.69 9.43
N VAL C 449 26.75 -35.28 8.41
CA VAL C 449 26.48 -34.65 7.13
C VAL C 449 25.00 -34.84 6.83
N PHE C 450 24.49 -34.03 5.91
CA PHE C 450 23.06 -34.07 5.65
C PHE C 450 22.76 -33.48 4.27
N SER C 451 21.69 -33.98 3.67
CA SER C 451 21.07 -33.40 2.47
C SER C 451 19.58 -33.33 2.79
N ALA C 452 19.14 -32.19 3.30
CA ALA C 452 17.80 -32.04 3.86
C ALA C 452 17.37 -30.59 3.69
N PRO C 453 16.07 -30.29 3.78
CA PRO C 453 15.64 -28.90 3.65
C PRO C 453 15.99 -28.08 4.89
N VAL C 454 15.92 -26.76 4.72
CA VAL C 454 16.37 -25.85 5.76
C VAL C 454 15.53 -25.97 7.03
N ALA C 455 14.22 -26.21 6.86
CA ALA C 455 13.33 -26.27 8.02
C ALA C 455 13.64 -27.49 8.89
N ILE C 456 13.90 -28.63 8.25
CA ILE C 456 14.24 -29.83 9.01
C ILE C 456 15.49 -29.62 9.84
N MET C 457 16.53 -29.05 9.22
CA MET C 457 17.79 -28.79 9.93
C MET C 457 17.61 -27.77 11.04
N LEU C 458 16.82 -26.72 10.80
CA LEU C 458 16.61 -25.71 11.83
C LEU C 458 15.88 -26.30 13.03
N ALA C 459 14.82 -27.07 12.78
CA ALA C 459 14.11 -27.70 13.89
C ALA C 459 14.97 -28.74 14.59
N LEU C 460 15.82 -29.45 13.85
CA LEU C 460 16.73 -30.41 14.48
C LEU C 460 17.74 -29.71 15.36
N GLY C 461 18.21 -28.54 14.94
CA GLY C 461 19.08 -27.75 15.79
C GLY C 461 18.37 -27.26 17.04
N MET C 462 17.12 -26.85 16.90
CA MET C 462 16.34 -26.46 18.07
C MET C 462 16.14 -27.63 19.03
N ALA C 463 16.00 -28.84 18.49
CA ALA C 463 15.77 -30.01 19.34
C ALA C 463 17.06 -30.48 20.01
N LEU C 464 18.18 -30.44 19.29
CA LEU C 464 19.43 -30.97 19.84
C LEU C 464 19.98 -30.09 20.95
N GLY C 465 19.95 -28.76 20.75
CA GLY C 465 20.63 -27.92 21.70
C GLY C 465 22.14 -28.01 21.47
N TYR C 466 22.88 -27.58 22.50
CA TYR C 466 24.34 -27.62 22.47
C TYR C 466 24.89 -28.70 23.39
N PHE C 467 24.15 -29.80 23.55
CA PHE C 467 24.53 -30.87 24.46
C PHE C 467 25.27 -32.01 23.79
N LEU C 468 25.23 -32.11 22.47
CA LEU C 468 25.80 -33.26 21.77
C LEU C 468 27.10 -32.88 21.08
N PRO C 469 28.16 -33.66 21.26
CA PRO C 469 29.48 -33.35 20.63
C PRO C 469 29.59 -33.82 19.18
N ILE C 470 29.00 -33.02 18.28
CA ILE C 470 28.92 -33.37 16.87
C ILE C 470 29.74 -32.37 16.06
N LYS C 471 30.50 -32.88 15.11
CA LYS C 471 31.22 -32.05 14.15
C LYS C 471 30.49 -32.10 12.82
N VAL C 472 30.19 -30.93 12.27
CA VAL C 472 29.34 -30.81 11.09
C VAL C 472 30.22 -30.56 9.87
N PHE C 473 29.87 -31.19 8.75
CA PHE C 473 30.57 -31.01 7.49
C PHE C 473 29.58 -30.48 6.45
N HIS C 474 29.91 -29.34 5.85
CA HIS C 474 29.09 -28.72 4.83
C HIS C 474 29.62 -29.10 3.46
N TYR C 475 28.73 -29.52 2.57
CA TYR C 475 29.12 -29.92 1.21
C TYR C 475 28.81 -28.74 0.30
N ASN C 476 29.85 -27.97 -0.02
CA ASN C 476 29.66 -26.77 -0.84
C ASN C 476 29.64 -27.11 -2.33
N ARG C 477 30.73 -27.70 -2.83
CA ARG C 477 30.83 -27.96 -4.26
C ARG C 477 31.81 -29.12 -4.47
N ASP C 478 31.26 -30.33 -4.61
CA ASP C 478 31.94 -31.58 -4.93
C ASP C 478 32.84 -32.08 -3.80
N GLU C 479 32.96 -31.34 -2.70
CA GLU C 479 33.84 -31.74 -1.60
C GLU C 479 33.26 -31.24 -0.29
N TYR C 480 33.62 -31.93 0.80
CA TYR C 480 33.15 -31.60 2.13
C TYR C 480 34.25 -30.88 2.91
N ILE C 481 33.85 -29.87 3.69
CA ILE C 481 34.74 -29.10 4.54
C ILE C 481 34.19 -29.08 5.95
N GLU C 482 35.06 -29.30 6.94
CA GLU C 482 34.65 -29.30 8.34
C GLU C 482 34.27 -27.88 8.77
N VAL C 483 33.11 -27.76 9.40
CA VAL C 483 32.70 -26.50 10.01
C VAL C 483 33.44 -26.34 11.33
N PRO C 484 34.18 -25.24 11.53
CA PRO C 484 35.06 -25.15 12.69
C PRO C 484 34.35 -24.84 14.01
N ILE C 485 33.05 -25.12 14.07
CA ILE C 485 32.26 -24.89 15.27
C ILE C 485 31.61 -26.22 15.64
N LYS C 486 31.99 -26.77 16.79
CA LYS C 486 31.34 -27.97 17.31
C LYS C 486 29.93 -27.63 17.80
N LEU C 487 29.03 -28.61 17.71
CA LEU C 487 27.65 -28.38 18.12
C LEU C 487 27.48 -28.31 19.64
N ASN C 488 28.53 -28.57 20.41
CA ASN C 488 28.45 -28.53 21.87
C ASN C 488 29.31 -27.41 22.45
N GLU C 489 29.72 -26.45 21.63
CA GLU C 489 30.56 -25.35 22.09
C GLU C 489 29.75 -24.33 22.89
N GLU C 490 30.41 -23.69 23.85
CA GLU C 490 29.73 -22.74 24.72
C GLU C 490 29.20 -21.52 23.97
N ILE C 491 29.80 -21.19 22.83
CA ILE C 491 29.34 -20.05 22.04
C ILE C 491 27.93 -20.25 21.50
N LEU C 492 27.43 -21.49 21.48
CA LEU C 492 26.11 -21.81 20.94
C LEU C 492 25.04 -21.90 22.01
N ARG C 493 25.30 -21.40 23.21
CA ARG C 493 24.32 -21.45 24.28
C ARG C 493 23.09 -20.61 23.93
N SER C 494 21.92 -21.21 24.09
CA SER C 494 20.67 -20.54 23.73
C SER C 494 20.27 -19.58 24.84
N PRO C 495 20.18 -18.27 24.57
CA PRO C 495 19.68 -17.32 25.56
C PRO C 495 18.17 -17.11 25.54
N PHE C 496 17.44 -17.85 24.73
CA PHE C 496 16.00 -17.67 24.58
C PHE C 496 15.23 -18.84 25.18
N SER D 1 18.77 26.47 37.84
CA SER D 1 18.66 25.45 36.81
C SER D 1 17.37 24.66 36.99
N THR D 2 16.46 25.20 37.79
CA THR D 2 15.17 24.57 38.05
C THR D 2 14.15 25.01 37.00
N SER D 3 13.43 24.04 36.46
CA SER D 3 12.37 24.30 35.47
C SER D 3 11.05 24.66 36.13
N GLN D 4 11.10 25.01 37.41
CA GLN D 4 9.89 25.37 38.15
C GLN D 4 9.35 26.70 37.64
N LYS D 5 8.05 26.73 37.33
CA LYS D 5 7.42 27.90 36.75
C LYS D 5 6.78 28.82 37.79
N ALA D 6 6.53 28.32 39.00
CA ALA D 6 5.85 29.12 40.00
C ALA D 6 6.25 28.64 41.39
N THR D 7 6.15 29.54 42.36
CA THR D 7 6.42 29.23 43.76
C THR D 7 5.55 30.13 44.61
N TYR D 8 5.41 29.77 45.89
CA TYR D 8 4.58 30.54 46.80
C TYR D 8 5.27 30.68 48.14
N THR D 9 4.95 31.76 48.83
CA THR D 9 5.31 31.92 50.24
C THR D 9 4.08 32.39 50.99
N ASP D 10 4.25 32.79 52.25
CA ASP D 10 3.11 33.29 53.01
C ASP D 10 2.68 34.68 52.56
N ASP D 11 3.56 35.42 51.89
CA ASP D 11 3.29 36.80 51.49
C ASP D 11 3.04 36.99 50.01
N PHE D 12 3.64 36.18 49.15
CA PHE D 12 3.60 36.45 47.72
C PHE D 12 3.62 35.14 46.94
N VAL D 13 3.33 35.24 45.66
CA VAL D 13 3.43 34.13 44.71
C VAL D 13 4.33 34.59 43.57
N LEU D 14 5.38 33.82 43.31
CA LEU D 14 6.27 34.12 42.19
C LEU D 14 5.85 33.32 40.96
N TYR D 15 5.67 34.04 39.85
CA TYR D 15 5.33 33.43 38.56
C TYR D 15 6.42 33.78 37.55
N ARG D 16 6.87 32.78 36.80
CA ARG D 16 7.94 32.96 35.83
C ARG D 16 7.34 33.14 34.44
N GLY D 17 7.57 34.31 33.86
CA GLY D 17 7.11 34.60 32.51
C GLY D 17 8.19 34.36 31.47
N ASP D 18 7.94 34.89 30.27
CA ASP D 18 8.91 34.74 29.19
C ASP D 18 10.16 35.59 29.45
N ASP D 19 9.97 36.89 29.67
CA ASP D 19 11.09 37.80 29.88
C ASP D 19 10.98 38.57 31.19
N PHE D 20 10.11 38.14 32.09
CA PHE D 20 9.90 38.83 33.37
C PHE D 20 9.66 37.80 34.46
N ILE D 21 9.61 38.28 35.70
CA ILE D 21 9.19 37.50 36.86
C ILE D 21 8.20 38.35 37.64
N GLU D 22 7.03 37.79 37.92
CA GLU D 22 5.94 38.54 38.53
C GLU D 22 5.77 38.12 39.98
N ILE D 23 5.71 39.11 40.86
CA ILE D 23 5.44 38.93 42.28
C ILE D 23 3.97 39.32 42.50
N ILE D 24 3.15 38.34 42.86
CA ILE D 24 1.74 38.55 43.15
C ILE D 24 1.62 38.61 44.67
N ILE D 25 1.51 39.82 45.20
CA ILE D 25 1.44 40.02 46.64
C ILE D 25 0.09 39.53 47.16
N ASP D 26 0.09 39.00 48.38
CA ASP D 26 -1.15 38.58 49.01
C ASP D 26 -2.09 39.76 49.15
N GLU D 27 -3.39 39.53 48.91
CA GLU D 27 -4.37 40.61 48.95
C GLU D 27 -4.47 41.27 50.31
N LYS D 28 -3.94 40.67 51.37
CA LYS D 28 -4.05 41.28 52.69
C LYS D 28 -3.26 42.58 52.77
N TYR D 29 -2.24 42.75 51.94
CA TYR D 29 -1.48 43.99 51.90
C TYR D 29 -2.06 45.02 50.95
N LEU D 30 -3.28 44.80 50.46
CA LEU D 30 -3.90 45.73 49.53
C LEU D 30 -4.29 47.01 50.27
N ASN D 31 -4.10 48.15 49.60
CA ASN D 31 -4.40 49.47 50.16
C ASN D 31 -3.58 49.77 51.41
N LYS D 32 -2.48 49.04 51.62
CA LYS D 32 -1.61 49.23 52.77
C LYS D 32 -0.26 49.78 52.30
N LYS D 33 0.38 50.54 53.18
CA LYS D 33 1.72 51.07 52.91
C LYS D 33 2.73 49.95 53.15
N VAL D 34 3.41 49.53 52.08
CA VAL D 34 4.39 48.46 52.15
C VAL D 34 5.69 48.91 51.52
N LYS D 35 6.73 48.11 51.74
CA LYS D 35 8.06 48.34 51.17
C LYS D 35 8.60 46.97 50.75
N ILE D 36 8.60 46.72 49.44
CA ILE D 36 9.06 45.46 48.88
C ILE D 36 10.54 45.62 48.51
N LEU D 37 11.38 44.75 49.06
CA LEU D 37 12.83 44.81 48.90
C LEU D 37 13.34 43.54 48.26
N LEU D 38 14.15 43.69 47.22
CA LEU D 38 14.91 42.58 46.65
C LEU D 38 16.33 42.66 47.21
N ASP D 39 16.71 41.66 47.99
CA ASP D 39 17.92 41.68 48.82
C ASP D 39 17.75 42.85 49.79
N ASN D 40 18.63 43.85 49.81
CA ASN D 40 18.42 45.05 50.62
C ASN D 40 18.17 46.28 49.75
N ASP D 41 17.81 46.08 48.49
CA ASP D 41 17.51 47.16 47.57
C ASP D 41 16.01 47.30 47.41
N THR D 42 15.52 48.54 47.39
CA THR D 42 14.10 48.79 47.27
C THR D 42 13.63 48.64 45.84
N ILE D 43 12.63 47.79 45.64
CA ILE D 43 11.93 47.71 44.37
C ILE D 43 10.53 48.32 44.44
N PHE D 44 9.95 48.46 45.63
CA PHE D 44 8.70 49.19 45.77
C PHE D 44 8.62 49.78 47.17
N ASN D 45 7.97 50.94 47.27
CA ASN D 45 7.81 51.59 48.57
C ASN D 45 6.64 52.57 48.46
N GLY D 46 5.46 52.12 48.88
CA GLY D 46 4.29 52.97 48.81
C GLY D 46 3.02 52.19 49.11
N ILE D 47 1.89 52.82 48.79
CA ILE D 47 0.59 52.21 49.00
C ILE D 47 0.33 51.20 47.90
N LEU D 48 0.12 49.94 48.27
CA LEU D 48 -0.02 48.86 47.30
C LEU D 48 -1.48 48.77 46.86
N LYS D 49 -1.76 49.29 45.67
CA LYS D 49 -3.07 49.16 45.06
C LYS D 49 -3.11 48.10 43.96
N ASP D 50 -1.95 47.63 43.51
CA ASP D 50 -1.85 46.58 42.50
C ASP D 50 -0.96 45.48 43.05
N THR D 51 -1.51 44.27 43.18
CA THR D 51 -0.79 43.18 43.83
C THR D 51 0.33 42.59 42.97
N SER D 52 0.57 43.11 41.78
CA SER D 52 1.54 42.53 40.86
C SER D 52 2.71 43.50 40.65
N ILE D 53 3.92 43.03 40.93
CA ILE D 53 5.15 43.78 40.71
C ILE D 53 6.05 42.95 39.81
N PHE D 54 6.41 43.50 38.65
CA PHE D 54 7.19 42.77 37.67
C PHE D 54 8.65 43.20 37.72
N ILE D 55 9.55 42.22 37.66
CA ILE D 55 10.99 42.49 37.68
C ILE D 55 11.66 41.72 36.56
N PRO D 56 12.78 42.20 36.01
CA PRO D 56 13.44 41.48 34.92
C PRO D 56 14.10 40.19 35.40
N VAL D 57 14.10 39.20 34.51
CA VAL D 57 14.74 37.90 34.74
C VAL D 57 15.94 37.80 33.81
N LYS D 58 17.04 37.25 34.34
CA LYS D 58 18.30 37.26 33.61
C LYS D 58 18.67 35.88 33.06
N GLU D 59 18.75 34.86 33.91
CA GLU D 59 19.31 33.57 33.52
C GLU D 59 18.46 32.39 33.98
N GLN D 60 17.15 32.60 34.18
CA GLN D 60 16.24 31.56 34.67
C GLN D 60 16.72 31.02 36.02
N ILE D 61 16.83 31.94 36.98
CA ILE D 61 17.36 31.59 38.30
C ILE D 61 16.35 30.74 39.05
N ASP D 62 16.86 29.94 40.00
CA ASP D 62 16.02 29.11 40.85
C ASP D 62 14.97 29.96 41.57
N LEU D 63 13.69 29.66 41.32
CA LEU D 63 12.62 30.49 41.87
C LEU D 63 12.52 30.40 43.38
N GLU D 64 12.91 29.26 43.97
CA GLU D 64 12.87 29.13 45.43
C GLU D 64 13.87 30.06 46.10
N GLU D 65 15.11 30.09 45.59
CA GLU D 65 16.10 31.00 46.14
C GLU D 65 15.67 32.45 45.98
N LEU D 66 15.16 32.81 44.80
CA LEU D 66 14.69 34.16 44.57
C LEU D 66 13.57 34.52 45.53
N ALA D 67 12.68 33.56 45.82
CA ALA D 67 11.63 33.80 46.82
C ALA D 67 12.24 34.01 48.20
N LYS D 68 13.35 33.33 48.49
CA LYS D 68 14.06 33.63 49.73
C LYS D 68 14.68 35.03 49.72
N HIS D 69 14.96 35.59 48.55
CA HIS D 69 15.64 36.89 48.50
C HIS D 69 14.70 38.09 48.57
N ILE D 70 13.47 38.00 48.09
CA ILE D 70 12.57 39.14 48.15
C ILE D 70 11.86 39.12 49.50
N SER D 71 11.55 40.31 50.01
CA SER D 71 10.95 40.42 51.33
C SER D 71 10.01 41.61 51.40
N ILE D 72 8.93 41.46 52.14
CA ILE D 72 7.91 42.48 52.35
C ILE D 72 8.03 43.01 53.76
N LEU D 73 8.03 44.33 53.90
CA LEU D 73 8.10 44.98 55.21
C LEU D 73 7.02 46.05 55.27
N PRO D 74 5.83 45.70 55.74
CA PRO D 74 4.79 46.71 55.94
C PRO D 74 4.99 47.50 57.22
N GLU D 75 4.34 48.66 57.26
CA GLU D 75 4.34 49.52 58.44
C GLU D 75 2.93 49.84 58.92
N GLY D 76 1.90 49.33 58.27
CA GLY D 76 0.52 49.63 58.64
C GLY D 76 -0.44 48.51 58.33
#